data_7WU9
#
_entry.id   7WU9
#
_cell.length_a   1.00
_cell.length_b   1.00
_cell.length_c   1.00
_cell.angle_alpha   90.00
_cell.angle_beta   90.00
_cell.angle_gamma   90.00
#
_symmetry.space_group_name_H-M   'P 1'
#
loop_
_entity.id
_entity.type
_entity.pdbx_description
1 polymer 'Prostaglandin E2 receptor EP3 subtype'
2 polymer 'Guanine nucleotide-binding protein G(i) subunit alpha-1'
3 polymer 'Guanine nucleotide-binding protein G(I)/G(S)/G(T) subunit beta-1'
4 polymer 'Guanine nucleotide-binding protein G(I)/G(S)/G(O) subunit gamma-2'
5 polymer scFv16
#
loop_
_entity_poly.entity_id
_entity_poly.type
_entity_poly.pdbx_seq_one_letter_code
_entity_poly.pdbx_strand_id
1 'polypeptide(L)'
;GPTSCGSVSVAFPITMLLTGFVGNALAMLLVSRSYRRRESKRKKSFLLCIGWLALTDLVGQLLTTPVVIVVYLSKQRWEH
IDPSGRLCTFFGLTMTVFGLSSLFIASAMAVERALAIRAPHWYASHMKTRITRAVLLGVWLASLAFALLPVLGVGQYTVQ
WPGTWCFISTGRGGQGTSSSHNWGNLFFASAFAFLGLLALTVTFSCNLATIKALVDRCRAKATASQSSAQWGRITTETAI
QLMGIMLVLSVCWSPLLIMMLKMIFQQTSVEHCKTHTEKQKECNFFLIAVRLASLNQILDPWVYLLLRKILLRKFCQLEL
EVLFQ
;
R
2 'polypeptide(L)'
;GSGCTLSAEDKAAVERSKMIDRNLREDGEKAAREVKLLLLGAGESGKSTIVKQMKIIHEAGYSEEECKQYKAVVYSNTIQ
SIIAIIRAMGRLKIDFGDSARADDARQLFVLAGAAEEGFMTAELAGVIKRLWKDSGVQACFNRSREYQLNDSAAYYLNDL
DRIAQPNYIPTQQDVLRTRVKTTGIVETHFTFKDLHFKMFDVGGQRSERKKWIHCFEGVTAIIFCVALSDYDLVLAEDEE
MNRMHESMKLFDSICNNKWFTDTSIILFLNKKDLFEEKIKKSPLTICYPEYAGSNTYEEAAAYIQCQFEDLNKRKDTKEI
YTHFTCATDTKNVQFVFDAVTDVIIKNNLKDCGLF
;
A
3 'polypeptide(L)'
;GPGSSGSELDQLRQEAEQLKNQIRDARKACADATLSQITNNIDPVGRIQMRTRRTLRGHLAKIYAMHWGTDSRLLVSASQ
DGKLIIWDSYTTNKVHAIPLRSSWVMTCAYAPSGNYVACGGLDNICSIYNLKTREGNVRVSRELAGHTGYLSCCRFLDDN
QIVTSSGDTTCALWDIETGQQTTTFTGHTGDVMSLSLAPDTRLFVSGACDASAKLWDVREGMCRQTFTGHESDINAICFF
PNGNAFATGSDDATCRLFDLRADQELMTYSHDNIICGITSVSFSKSGRLLLAGYDDFNCNVWDALKADRAGVLAGHDNRV
SCLGVTDDGMAVATGSWDSFLKIWN
;
B
4 'polypeptide(L)' MASNNTASIAQARKLVEQLKMEANIDRIKVSKAAADLMAYCEAHAKEDPLLTPVPASENPFREKKFFCAIL G
5 'polypeptide(L)'
;DVQLVESGGGLVQPGGSRKLSCSASGFAFSSFGMHWVRQAPEKGLEWVAYISSGSGTIYYADTVKGRFTISRDDPKNTLF
LQMTSLRSEDTAMYYCVRSIYYYGSSPFDFWGQGTTLTVSSGGGGSGGGGSGGGGSDIVMTQATSSVPVTPGESVSISCR
SSKSLLHSNGNTYLYWFLQRPGQSPQLLIYRMSNLASGVPDRFSGSGSGTAFTLTISRLEAEDVGVYYCMQHLEYPLTFG
AGTKLELKGENLYFQ
;
S
#
# COMPACT_ATOMS: atom_id res chain seq x y z
N SER A 7 -33.08 10.89 -47.95
CA SER A 7 -33.32 11.87 -48.99
C SER A 7 -33.57 13.25 -48.38
N VAL A 8 -32.49 14.01 -48.22
CA VAL A 8 -32.52 15.35 -47.64
C VAL A 8 -33.49 15.40 -46.48
N SER A 9 -33.39 14.44 -45.56
CA SER A 9 -34.28 14.37 -44.41
C SER A 9 -33.82 15.38 -43.37
N VAL A 10 -34.63 16.43 -43.17
CA VAL A 10 -34.27 17.46 -42.20
C VAL A 10 -34.35 16.91 -40.78
N ALA A 11 -35.35 16.07 -40.51
CA ALA A 11 -35.53 15.53 -39.17
C ALA A 11 -34.61 14.36 -38.86
N PHE A 12 -33.99 13.76 -39.88
CA PHE A 12 -33.11 12.62 -39.64
C PHE A 12 -31.94 12.99 -38.73
N PRO A 13 -31.18 14.06 -39.00
CA PRO A 13 -30.12 14.43 -38.05
C PRO A 13 -30.64 14.71 -36.65
N ILE A 14 -31.82 15.31 -36.54
CA ILE A 14 -32.40 15.56 -35.22
C ILE A 14 -32.68 14.25 -34.50
N THR A 15 -33.25 13.28 -35.21
CA THR A 15 -33.52 11.98 -34.60
C THR A 15 -32.23 11.30 -34.17
N MET A 16 -31.19 11.37 -35.00
CA MET A 16 -29.92 10.75 -34.64
C MET A 16 -29.35 11.38 -33.38
N LEU A 17 -29.40 12.71 -33.27
CA LEU A 17 -28.90 13.37 -32.08
C LEU A 17 -29.70 12.94 -30.85
N LEU A 18 -31.02 12.86 -30.98
CA LEU A 18 -31.85 12.46 -29.84
C LEU A 18 -31.52 11.05 -29.39
N THR A 19 -31.36 10.12 -30.35
CA THR A 19 -30.99 8.76 -30.00
C THR A 19 -29.57 8.70 -29.44
N GLY A 20 -28.64 9.39 -30.10
CA GLY A 20 -27.25 9.32 -29.67
C GLY A 20 -27.04 9.89 -28.28
N PHE A 21 -27.60 11.06 -28.01
CA PHE A 21 -27.47 11.65 -26.68
C PHE A 21 -28.14 10.78 -25.62
N VAL A 22 -29.33 10.28 -25.92
CA VAL A 22 -30.04 9.43 -24.95
C VAL A 22 -29.25 8.16 -24.69
N GLY A 23 -28.78 7.50 -25.76
CA GLY A 23 -28.01 6.29 -25.59
C GLY A 23 -26.70 6.54 -24.84
N ASN A 24 -25.98 7.59 -25.24
CA ASN A 24 -24.73 7.91 -24.56
C ASN A 24 -24.96 8.27 -23.09
N ALA A 25 -26.00 9.07 -22.83
CA ALA A 25 -26.28 9.48 -21.45
C ALA A 25 -26.54 8.28 -20.56
N LEU A 26 -27.31 7.31 -21.05
CA LEU A 26 -27.56 6.10 -20.27
C LEU A 26 -26.26 5.34 -20.04
N ALA A 27 -25.37 5.30 -21.03
CA ALA A 27 -24.14 4.55 -20.88
C ALA A 27 -23.30 5.08 -19.72
N MET A 28 -23.09 6.40 -19.66
CA MET A 28 -22.31 6.96 -18.57
C MET A 28 -22.99 6.73 -17.22
N LEU A 29 -24.31 6.85 -17.18
CA LEU A 29 -25.01 6.70 -15.91
C LEU A 29 -24.82 5.31 -15.32
N LEU A 30 -24.96 4.27 -16.14
CA LEU A 30 -24.82 2.91 -15.64
C LEU A 30 -23.38 2.61 -15.24
N VAL A 31 -22.43 2.93 -16.12
CA VAL A 31 -21.03 2.64 -15.83
C VAL A 31 -20.55 3.41 -14.62
N SER A 32 -20.91 4.70 -14.54
CA SER A 32 -20.48 5.53 -13.41
C SER A 32 -21.14 5.11 -12.10
N ARG A 33 -22.26 4.41 -12.17
CA ARG A 33 -23.00 4.02 -10.97
C ARG A 33 -22.60 2.63 -10.46
N SER A 34 -21.69 1.94 -11.14
CA SER A 34 -21.30 0.59 -10.72
C SER A 34 -19.81 0.34 -10.84
N TYR A 35 -19.00 1.36 -11.16
CA TYR A 35 -17.56 1.15 -11.30
C TYR A 35 -16.86 1.02 -9.95
N ARG A 36 -17.54 1.34 -8.84
CA ARG A 36 -16.95 1.10 -7.53
C ARG A 36 -16.89 -0.39 -7.22
N ARG A 37 -17.87 -1.15 -7.69
CA ARG A 37 -17.93 -2.59 -7.43
C ARG A 37 -17.93 -2.88 -5.94
N ARG A 38 -18.64 -2.06 -5.19
CA ARG A 38 -18.75 -2.22 -3.74
C ARG A 38 -17.37 -2.19 -3.08
N LYS A 41 -16.05 -7.42 -6.96
CA LYS A 41 -16.44 -7.68 -8.34
C LYS A 41 -15.31 -7.31 -9.29
N ARG A 42 -14.59 -6.24 -8.98
CA ARG A 42 -13.46 -5.76 -9.78
C ARG A 42 -13.98 -5.44 -11.17
N LYS A 43 -13.47 -6.07 -12.23
CA LYS A 43 -13.90 -5.78 -13.60
C LYS A 43 -13.79 -4.28 -13.90
N LYS A 44 -12.72 -3.67 -13.39
CA LYS A 44 -12.54 -2.23 -13.56
C LYS A 44 -12.07 -1.90 -14.97
N SER A 45 -11.19 -2.72 -15.53
CA SER A 45 -10.62 -2.41 -16.85
C SER A 45 -11.69 -2.34 -17.91
N PHE A 46 -12.62 -3.30 -17.92
CA PHE A 46 -13.66 -3.31 -18.94
C PHE A 46 -14.57 -2.09 -18.81
N LEU A 47 -14.95 -1.73 -17.58
CA LEU A 47 -15.85 -0.60 -17.39
C LEU A 47 -15.19 0.70 -17.84
N LEU A 48 -13.91 0.87 -17.54
CA LEU A 48 -13.21 2.09 -17.96
C LEU A 48 -13.16 2.19 -19.48
N CYS A 49 -12.88 1.07 -20.15
CA CYS A 49 -12.78 1.10 -21.61
C CYS A 49 -14.11 1.48 -22.25
N ILE A 50 -15.19 0.81 -21.84
CA ILE A 50 -16.50 1.10 -22.42
C ILE A 50 -16.96 2.50 -22.02
N GLY A 51 -16.64 2.93 -20.80
CA GLY A 51 -17.11 4.23 -20.35
C GLY A 51 -16.59 5.36 -21.22
N TRP A 52 -15.29 5.36 -21.50
CA TRP A 52 -14.72 6.40 -22.36
C TRP A 52 -15.28 6.32 -23.77
N LEU A 53 -15.48 5.11 -24.28
CA LEU A 53 -16.05 4.95 -25.62
C LEU A 53 -17.41 5.64 -25.70
N ALA A 54 -18.26 5.42 -24.70
CA ALA A 54 -19.55 6.12 -24.68
C ALA A 54 -19.35 7.62 -24.59
N LEU A 55 -18.43 8.07 -23.72
CA LEU A 55 -18.16 9.49 -23.60
C LEU A 55 -17.64 10.07 -24.90
N THR A 56 -16.74 9.37 -25.57
CA THR A 56 -16.22 9.85 -26.85
C THR A 56 -17.32 9.96 -27.88
N ASP A 57 -18.21 8.96 -27.94
CA ASP A 57 -19.33 9.01 -28.88
C ASP A 57 -20.25 10.17 -28.56
N LEU A 58 -20.53 10.39 -27.27
CA LEU A 58 -21.45 11.46 -26.88
C LEU A 58 -20.92 12.83 -27.31
N VAL A 59 -19.63 13.09 -27.06
CA VAL A 59 -19.06 14.37 -27.44
C VAL A 59 -18.98 14.48 -28.96
N GLY A 60 -18.67 13.37 -29.64
CA GLY A 60 -18.58 13.42 -31.09
C GLY A 60 -19.90 13.81 -31.74
N GLN A 61 -21.00 13.20 -31.29
CA GLN A 61 -22.31 13.57 -31.79
C GLN A 61 -22.63 15.02 -31.42
N LEU A 62 -22.33 15.41 -30.18
CA LEU A 62 -22.58 16.77 -29.74
C LEU A 62 -21.65 17.77 -30.44
N LEU A 63 -20.53 17.32 -30.98
CA LEU A 63 -19.58 18.20 -31.64
C LEU A 63 -19.81 18.32 -33.13
N THR A 64 -20.45 17.33 -33.76
CA THR A 64 -20.69 17.34 -35.20
C THR A 64 -22.12 17.71 -35.55
N THR A 65 -23.10 17.21 -34.80
CA THR A 65 -24.49 17.53 -35.11
C THR A 65 -24.80 19.01 -35.13
N PRO A 66 -24.26 19.85 -34.23
CA PRO A 66 -24.64 21.28 -34.27
C PRO A 66 -24.39 21.93 -35.60
N VAL A 67 -23.34 21.52 -36.31
CA VAL A 67 -23.08 22.06 -37.64
C VAL A 67 -24.21 21.72 -38.59
N VAL A 68 -24.68 20.47 -38.55
CA VAL A 68 -25.72 20.03 -39.49
C VAL A 68 -26.98 20.84 -39.29
N ILE A 69 -27.42 21.01 -38.04
CA ILE A 69 -28.62 21.78 -37.78
C ILE A 69 -28.41 23.25 -38.12
N VAL A 70 -27.19 23.76 -37.90
CA VAL A 70 -26.91 25.16 -38.20
C VAL A 70 -27.11 25.45 -39.68
N VAL A 71 -26.65 24.54 -40.55
CA VAL A 71 -26.81 24.74 -41.98
C VAL A 71 -28.29 24.82 -42.35
N TYR A 72 -29.11 23.94 -41.77
CA TYR A 72 -30.54 23.96 -42.07
C TYR A 72 -31.16 25.28 -41.64
N LEU A 73 -30.79 25.78 -40.46
CA LEU A 73 -31.34 27.05 -39.98
C LEU A 73 -30.73 28.25 -40.70
N SER A 74 -29.61 28.08 -41.40
CA SER A 74 -28.96 29.17 -42.09
C SER A 74 -29.54 29.43 -43.47
N LYS A 75 -30.47 28.58 -43.94
CA LYS A 75 -31.06 28.76 -45.26
C LYS A 75 -30.01 28.68 -46.36
N TRP A 78 -23.86 26.74 -47.61
CA TRP A 78 -22.90 26.65 -46.52
C TRP A 78 -21.70 27.56 -46.79
N GLU A 79 -21.14 27.46 -47.99
CA GLU A 79 -19.99 28.28 -48.35
C GLU A 79 -20.35 29.76 -48.29
N HIS A 80 -21.51 30.14 -48.81
CA HIS A 80 -21.93 31.54 -48.74
C HIS A 80 -22.13 31.98 -47.29
N ILE A 81 -22.75 31.12 -46.47
CA ILE A 81 -23.00 31.48 -45.09
C ILE A 81 -21.69 31.65 -44.33
N ASP A 82 -20.76 30.72 -44.52
CA ASP A 82 -19.48 30.76 -43.82
C ASP A 82 -18.42 31.34 -44.75
N PRO A 83 -17.92 32.56 -44.50
CA PRO A 83 -16.97 33.14 -45.47
C PRO A 83 -15.62 32.45 -45.47
N SER A 84 -15.05 32.16 -44.31
CA SER A 84 -13.74 31.55 -44.22
C SER A 84 -13.86 30.03 -44.38
N GLY A 85 -12.76 29.32 -44.16
CA GLY A 85 -12.76 27.88 -44.24
C GLY A 85 -12.46 27.22 -42.90
N ARG A 86 -12.25 28.04 -41.87
CA ARG A 86 -11.93 27.49 -40.55
C ARG A 86 -13.06 26.63 -40.03
N LEU A 87 -14.31 27.07 -40.20
CA LEU A 87 -15.45 26.30 -39.71
C LEU A 87 -15.51 24.94 -40.39
N CYS A 88 -15.33 24.90 -41.71
CA CYS A 88 -15.33 23.63 -42.42
C CYS A 88 -14.17 22.76 -41.97
N THR A 89 -12.97 23.35 -41.81
CA THR A 89 -11.82 22.58 -41.38
C THR A 89 -12.05 22.01 -39.98
N PHE A 90 -12.59 22.82 -39.08
CA PHE A 90 -12.85 22.34 -37.72
C PHE A 90 -13.87 21.20 -37.72
N PHE A 91 -14.93 21.33 -38.51
CA PHE A 91 -15.93 20.28 -38.59
C PHE A 91 -15.32 18.99 -39.15
N GLY A 92 -14.53 19.12 -40.21
CA GLY A 92 -13.89 17.95 -40.79
C GLY A 92 -12.87 17.32 -39.86
N LEU A 93 -12.11 18.15 -39.14
CA LEU A 93 -11.09 17.63 -38.24
C LEU A 93 -11.71 16.79 -37.14
N THR A 94 -12.84 17.23 -36.59
CA THR A 94 -13.50 16.47 -35.54
C THR A 94 -13.95 15.11 -36.06
N MET A 95 -14.56 15.09 -37.26
CA MET A 95 -15.11 13.85 -37.78
C MET A 95 -14.01 12.85 -38.11
N THR A 96 -12.94 13.30 -38.77
CA THR A 96 -11.89 12.38 -39.20
C THR A 96 -11.20 11.73 -38.00
N VAL A 97 -10.88 12.53 -36.98
CA VAL A 97 -10.18 11.99 -35.82
C VAL A 97 -11.11 11.09 -35.00
N PHE A 98 -12.32 11.55 -34.74
CA PHE A 98 -13.24 10.79 -33.89
C PHE A 98 -13.62 9.47 -34.53
N GLY A 99 -13.89 9.48 -35.83
CA GLY A 99 -14.24 8.24 -36.50
C GLY A 99 -13.14 7.19 -36.42
N LEU A 100 -11.90 7.61 -36.66
CA LEU A 100 -10.78 6.69 -36.56
C LEU A 100 -10.59 6.21 -35.12
N SER A 101 -10.79 7.11 -34.15
CA SER A 101 -10.58 6.74 -32.75
C SER A 101 -11.51 5.62 -32.33
N SER A 102 -12.78 5.69 -32.75
CA SER A 102 -13.75 4.67 -32.34
C SER A 102 -13.32 3.29 -32.82
N LEU A 103 -12.85 3.19 -34.07
CA LEU A 103 -12.38 1.91 -34.57
C LEU A 103 -11.16 1.43 -33.79
N PHE A 104 -10.22 2.33 -33.51
CA PHE A 104 -9.00 1.92 -32.84
C PHE A 104 -9.29 1.40 -31.43
N ILE A 105 -10.13 2.10 -30.68
CA ILE A 105 -10.49 1.63 -29.34
C ILE A 105 -11.32 0.37 -29.45
N ALA A 106 -12.22 0.28 -30.44
CA ALA A 106 -12.99 -0.93 -30.64
C ALA A 106 -12.07 -2.10 -30.95
N SER A 107 -11.10 -1.89 -31.84
CA SER A 107 -10.12 -2.94 -32.13
C SER A 107 -9.25 -3.22 -30.91
N ALA A 108 -8.85 -2.16 -30.19
CA ALA A 108 -7.98 -2.35 -29.04
C ALA A 108 -8.64 -3.23 -27.99
N MET A 109 -9.93 -3.01 -27.72
CA MET A 109 -10.63 -3.86 -26.78
C MET A 109 -10.70 -5.30 -27.29
N ALA A 110 -10.95 -5.47 -28.58
CA ALA A 110 -11.09 -6.82 -29.13
C ALA A 110 -9.79 -7.61 -28.99
N VAL A 111 -8.65 -6.99 -29.30
CA VAL A 111 -7.37 -7.70 -29.20
C VAL A 111 -7.07 -8.03 -27.74
N GLU A 112 -7.45 -7.14 -26.82
CA GLU A 112 -7.22 -7.40 -25.41
C GLU A 112 -7.92 -8.67 -24.96
N ARG A 113 -9.15 -8.87 -25.40
CA ARG A 113 -9.88 -10.10 -25.04
C ARG A 113 -9.17 -11.32 -25.60
N ALA A 114 -8.73 -11.26 -26.86
CA ALA A 114 -8.05 -12.40 -27.45
C ALA A 114 -6.74 -12.70 -26.74
N LEU A 115 -5.98 -11.66 -26.38
CA LEU A 115 -4.72 -11.87 -25.67
C LEU A 115 -4.96 -12.56 -24.33
N ALA A 116 -6.04 -12.19 -23.64
CA ALA A 116 -6.33 -12.80 -22.35
C ALA A 116 -6.54 -14.30 -22.49
N ILE A 117 -7.29 -14.73 -23.51
CA ILE A 117 -7.50 -16.16 -23.72
C ILE A 117 -6.20 -16.84 -24.13
N ARG A 118 -5.45 -16.22 -25.03
CA ARG A 118 -4.24 -16.87 -25.55
C ARG A 118 -3.13 -16.93 -24.52
N ALA A 119 -2.91 -15.83 -23.80
CA ALA A 119 -1.83 -15.74 -22.82
C ALA A 119 -2.39 -15.23 -21.49
N PRO A 120 -3.12 -16.08 -20.76
CA PRO A 120 -3.71 -15.62 -19.50
C PRO A 120 -2.70 -15.47 -18.37
N HIS A 121 -1.51 -16.06 -18.50
CA HIS A 121 -0.59 -16.10 -17.37
C HIS A 121 0.06 -14.74 -17.11
N TRP A 122 0.81 -14.22 -18.08
CA TRP A 122 1.45 -12.93 -17.91
C TRP A 122 0.52 -11.76 -18.19
N TYR A 123 -0.68 -12.02 -18.73
CA TYR A 123 -1.64 -10.94 -18.92
C TYR A 123 -2.08 -10.35 -17.60
N ALA A 124 -2.27 -11.18 -16.58
CA ALA A 124 -2.74 -10.67 -15.29
C ALA A 124 -1.78 -9.65 -14.72
N SER A 125 -0.47 -9.92 -14.77
CA SER A 125 0.51 -8.96 -14.29
C SER A 125 0.59 -7.76 -15.21
N HIS A 126 0.57 -7.99 -16.52
CA HIS A 126 0.71 -6.91 -17.49
C HIS A 126 -0.55 -6.05 -17.61
N MET A 127 -1.67 -6.45 -17.03
CA MET A 127 -2.92 -5.71 -17.11
C MET A 127 -3.22 -5.07 -15.77
N LYS A 128 -3.59 -3.79 -15.81
CA LYS A 128 -3.95 -3.04 -14.61
C LYS A 128 -4.87 -1.91 -15.00
N THR A 129 -5.54 -1.33 -14.00
CA THR A 129 -6.49 -0.27 -14.26
C THR A 129 -5.81 0.92 -14.95
N ARG A 130 -4.64 1.32 -14.46
CA ARG A 130 -3.94 2.45 -15.08
C ARG A 130 -3.33 2.08 -16.43
N ILE A 131 -3.02 0.80 -16.63
CA ILE A 131 -2.43 0.38 -17.90
C ILE A 131 -3.39 0.65 -19.05
N THR A 132 -4.66 0.29 -18.87
CA THR A 132 -5.64 0.52 -19.92
C THR A 132 -5.80 2.00 -20.22
N ARG A 133 -5.82 2.83 -19.18
CA ARG A 133 -5.96 4.27 -19.39
C ARG A 133 -4.88 4.80 -20.32
N ALA A 134 -3.64 4.37 -20.12
CA ALA A 134 -2.57 4.79 -21.02
C ALA A 134 -2.82 4.32 -22.45
N VAL A 135 -3.26 3.07 -22.60
CA VAL A 135 -3.50 2.53 -23.94
C VAL A 135 -4.60 3.32 -24.64
N LEU A 136 -5.73 3.55 -23.96
CA LEU A 136 -6.80 4.34 -24.54
C LEU A 136 -6.45 5.82 -24.65
N LEU A 137 -5.43 6.28 -23.92
CA LEU A 137 -4.98 7.66 -24.07
C LEU A 137 -4.15 7.85 -25.33
N GLY A 138 -3.38 6.84 -25.73
CA GLY A 138 -2.54 6.98 -26.91
C GLY A 138 -3.34 7.13 -28.19
N VAL A 139 -4.49 6.46 -28.27
CA VAL A 139 -5.28 6.50 -29.49
C VAL A 139 -5.76 7.92 -29.79
N TRP A 140 -6.16 8.65 -28.75
CA TRP A 140 -6.66 10.00 -28.96
C TRP A 140 -5.61 10.88 -29.62
N LEU A 141 -4.36 10.80 -29.15
CA LEU A 141 -3.29 11.56 -29.77
C LEU A 141 -3.08 11.13 -31.21
N ALA A 142 -3.12 9.82 -31.47
CA ALA A 142 -2.94 9.33 -32.83
C ALA A 142 -4.04 9.85 -33.75
N SER A 143 -5.29 9.80 -33.28
CA SER A 143 -6.40 10.28 -34.10
C SER A 143 -6.29 11.78 -34.38
N LEU A 144 -5.96 12.57 -33.35
CA LEU A 144 -5.82 14.01 -33.54
C LEU A 144 -4.56 14.36 -34.32
N ALA A 145 -3.51 13.54 -34.23
CA ALA A 145 -2.33 13.78 -35.04
C ALA A 145 -2.67 13.74 -36.52
N PHE A 146 -3.50 12.78 -36.93
CA PHE A 146 -3.97 12.74 -38.30
C PHE A 146 -4.79 13.97 -38.65
N ALA A 147 -5.61 14.45 -37.71
CA ALA A 147 -6.40 15.65 -37.96
C ALA A 147 -5.52 16.86 -38.23
N LEU A 148 -4.30 16.86 -37.69
CA LEU A 148 -3.39 17.98 -37.95
C LEU A 148 -2.88 17.97 -39.39
N LEU A 149 -2.94 16.81 -40.06
CA LEU A 149 -2.43 16.71 -41.42
C LEU A 149 -3.09 17.70 -42.37
N PRO A 150 -4.42 17.79 -42.44
CA PRO A 150 -5.02 18.78 -43.37
C PRO A 150 -4.59 20.21 -43.06
N VAL A 151 -4.39 20.54 -41.79
CA VAL A 151 -3.96 21.88 -41.40
C VAL A 151 -2.61 22.18 -42.02
N LEU A 152 -1.71 21.19 -41.99
CA LEU A 152 -0.38 21.39 -42.56
C LEU A 152 -0.46 21.68 -44.05
N GLY A 153 -1.31 20.96 -44.77
CA GLY A 153 -1.46 21.16 -46.20
C GLY A 153 -1.66 19.87 -46.97
N VAL A 154 -1.46 18.73 -46.32
CA VAL A 154 -1.64 17.43 -46.94
C VAL A 154 -3.12 17.09 -46.82
N GLY A 155 -3.84 17.20 -47.93
CA GLY A 155 -5.27 16.96 -47.94
C GLY A 155 -6.05 18.25 -47.77
N GLN A 156 -7.26 18.26 -48.32
CA GLN A 156 -8.14 19.42 -48.29
C GLN A 156 -9.55 18.99 -47.92
N TYR A 157 -10.29 19.93 -47.34
CA TYR A 157 -11.68 19.70 -46.93
C TYR A 157 -12.60 20.48 -47.86
N THR A 158 -13.59 19.78 -48.42
CA THR A 158 -14.51 20.37 -49.38
C THR A 158 -15.95 20.16 -48.91
N VAL A 159 -16.77 21.19 -49.08
CA VAL A 159 -18.19 21.12 -48.73
C VAL A 159 -18.95 20.60 -49.94
N GLN A 160 -19.81 19.60 -49.72
CA GLN A 160 -20.54 18.96 -50.80
C GLN A 160 -22.01 18.78 -50.44
N TRP A 161 -22.76 18.11 -51.29
CA TRP A 161 -24.18 17.89 -51.03
C TRP A 161 -24.34 17.08 -49.74
N PRO A 162 -25.23 17.49 -48.82
CA PRO A 162 -26.10 18.67 -48.83
C PRO A 162 -25.48 19.90 -48.17
N GLY A 163 -24.17 19.86 -47.96
CA GLY A 163 -23.47 20.96 -47.32
C GLY A 163 -23.51 20.95 -45.82
N THR A 164 -24.04 19.90 -45.20
CA THR A 164 -24.11 19.80 -43.75
C THR A 164 -22.86 19.16 -43.14
N TRP A 165 -21.89 18.76 -43.95
CA TRP A 165 -20.68 18.14 -43.44
C TRP A 165 -19.60 18.11 -44.52
N CYS A 166 -18.40 18.57 -44.18
CA CYS A 166 -17.31 18.64 -45.14
C CYS A 166 -16.79 17.25 -45.48
N PHE A 167 -16.32 17.10 -46.72
CA PHE A 167 -15.81 15.84 -47.22
C PHE A 167 -14.39 16.04 -47.75
N ILE A 168 -13.56 15.00 -47.61
CA ILE A 168 -12.16 15.10 -47.98
C ILE A 168 -12.04 15.17 -49.50
N SER A 169 -11.32 16.19 -49.98
CA SER A 169 -11.14 16.35 -51.41
C SER A 169 -10.38 15.16 -51.98
N THR A 170 -10.80 14.71 -53.16
CA THR A 170 -10.17 13.58 -53.83
C THR A 170 -9.81 13.94 -55.27
N GLY A 184 -1.22 15.30 -52.25
CA GLY A 184 -1.52 14.85 -50.90
C GLY A 184 -2.96 14.44 -50.73
N ASN A 185 -3.87 15.23 -51.32
CA ASN A 185 -5.30 14.93 -51.20
C ASN A 185 -5.63 13.59 -51.84
N LEU A 186 -5.04 13.28 -52.99
CA LEU A 186 -5.33 12.02 -53.67
C LEU A 186 -4.96 10.83 -52.79
N PHE A 187 -3.79 10.89 -52.15
CA PHE A 187 -3.37 9.82 -51.26
C PHE A 187 -4.00 9.91 -49.89
N PHE A 188 -4.60 11.06 -49.54
CA PHE A 188 -5.24 11.20 -48.24
C PHE A 188 -6.41 10.23 -48.09
N ALA A 189 -7.22 10.10 -49.13
CA ALA A 189 -8.36 9.17 -49.07
C ALA A 189 -7.88 7.74 -48.89
N SER A 190 -6.81 7.35 -49.60
CA SER A 190 -6.29 6.00 -49.49
C SER A 190 -5.80 5.71 -48.08
N ALA A 191 -5.11 6.68 -47.46
CA ALA A 191 -4.57 6.45 -46.13
C ALA A 191 -5.68 6.19 -45.12
N PHE A 192 -6.76 6.98 -45.18
CA PHE A 192 -7.87 6.75 -44.26
C PHE A 192 -8.52 5.40 -44.52
N ALA A 193 -8.68 5.03 -45.79
CA ALA A 193 -9.28 3.73 -46.10
C ALA A 193 -8.44 2.59 -45.54
N PHE A 194 -7.12 2.67 -45.66
N PHE A 194 -7.12 2.67 -45.66
CA PHE A 194 -6.26 1.64 -45.12
CA PHE A 194 -6.26 1.64 -45.12
C PHE A 194 -6.39 1.56 -43.60
C PHE A 194 -6.39 1.56 -43.60
N LEU A 195 -6.43 2.71 -42.93
CA LEU A 195 -6.56 2.71 -41.48
C LEU A 195 -7.88 2.07 -41.05
N GLY A 196 -8.97 2.42 -41.75
CA GLY A 196 -10.25 1.79 -41.45
C GLY A 196 -10.25 0.30 -41.74
N LEU A 197 -9.69 -0.08 -42.89
CA LEU A 197 -9.63 -1.50 -43.24
C LEU A 197 -8.78 -2.28 -42.24
N LEU A 198 -7.65 -1.72 -41.83
CA LEU A 198 -6.80 -2.41 -40.86
C LEU A 198 -7.53 -2.59 -39.53
N ALA A 199 -8.24 -1.55 -39.07
CA ALA A 199 -9.00 -1.67 -37.83
C ALA A 199 -10.09 -2.72 -37.97
N LEU A 200 -10.78 -2.74 -39.11
CA LEU A 200 -11.78 -3.77 -39.35
C LEU A 200 -11.13 -5.14 -39.55
N THR A 201 -9.94 -5.17 -40.16
CA THR A 201 -9.26 -6.44 -40.38
C THR A 201 -8.69 -7.00 -39.08
N VAL A 202 -8.03 -6.14 -38.28
CA VAL A 202 -7.38 -6.62 -37.07
C VAL A 202 -8.40 -7.19 -36.09
N THR A 203 -9.54 -6.51 -35.92
CA THR A 203 -10.59 -7.03 -35.06
C THR A 203 -11.12 -8.36 -35.59
N PHE A 204 -11.07 -8.55 -36.91
CA PHE A 204 -11.53 -9.81 -37.49
C PHE A 204 -10.70 -10.99 -37.01
N SER A 205 -9.38 -10.85 -37.00
CA SER A 205 -8.51 -11.95 -36.61
C SER A 205 -8.68 -12.30 -35.14
N CYS A 206 -8.60 -11.31 -34.27
CA CYS A 206 -8.65 -11.59 -32.84
C CYS A 206 -10.00 -12.16 -32.43
N ASN A 207 -11.09 -11.53 -32.87
CA ASN A 207 -12.42 -12.03 -32.50
C ASN A 207 -12.65 -13.43 -33.05
N LEU A 208 -12.26 -13.66 -34.31
CA LEU A 208 -12.40 -15.00 -34.87
C LEU A 208 -11.52 -16.00 -34.14
N ALA A 209 -10.29 -15.62 -33.80
CA ALA A 209 -9.40 -16.50 -33.07
C ALA A 209 -9.96 -16.82 -31.69
N THR A 210 -10.51 -15.82 -31.01
CA THR A 210 -11.04 -16.03 -29.67
C THR A 210 -12.18 -17.03 -29.69
N ILE A 211 -13.18 -16.80 -30.55
CA ILE A 211 -14.34 -17.67 -30.57
C ILE A 211 -13.94 -19.08 -30.98
N LYS A 212 -12.99 -19.20 -31.91
CA LYS A 212 -12.50 -20.52 -32.29
C LYS A 212 -11.86 -21.23 -31.11
N ALA A 213 -11.08 -20.51 -30.31
CA ALA A 213 -10.42 -21.12 -29.17
C ALA A 213 -11.42 -21.67 -28.16
N LEU A 214 -12.46 -20.89 -27.84
CA LEU A 214 -13.47 -21.37 -26.91
C LEU A 214 -14.18 -22.60 -27.45
N VAL A 215 -14.54 -22.58 -28.73
CA VAL A 215 -15.21 -23.74 -29.32
C VAL A 215 -14.30 -24.96 -29.28
N ASP A 216 -13.04 -24.78 -29.69
CA ASP A 216 -12.09 -25.89 -29.66
C ASP A 216 -11.86 -26.37 -28.23
N ARG A 217 -11.67 -25.43 -27.31
CA ARG A 217 -11.48 -25.81 -25.91
C ARG A 217 -12.73 -26.47 -25.34
N CYS A 218 -13.91 -25.93 -25.67
CA CYS A 218 -15.15 -26.49 -25.13
C CYS A 218 -15.35 -27.93 -25.63
N ARG A 219 -15.09 -28.18 -26.91
CA ARG A 219 -15.26 -29.53 -27.44
C ARG A 219 -14.29 -30.50 -26.80
N ALA A 220 -13.03 -30.09 -26.64
CA ALA A 220 -12.04 -30.99 -26.03
C ALA A 220 -12.40 -31.31 -24.59
N LYS A 221 -12.83 -30.31 -23.82
CA LYS A 221 -13.18 -30.54 -22.42
C LYS A 221 -14.43 -31.38 -22.27
N ALA A 222 -15.27 -31.45 -23.30
CA ALA A 222 -16.50 -32.25 -23.21
C ALA A 222 -16.18 -33.72 -22.96
N THR A 223 -15.18 -34.25 -23.65
CA THR A 223 -14.78 -35.65 -23.47
C THR A 223 -14.01 -35.83 -22.16
N SER A 228 -18.59 -28.68 -18.65
CA SER A 228 -19.89 -29.30 -18.47
C SER A 228 -21.00 -28.41 -19.03
N ALA A 229 -22.24 -28.69 -18.63
CA ALA A 229 -23.36 -27.91 -19.13
C ALA A 229 -23.26 -26.45 -18.71
N GLN A 230 -22.87 -26.19 -17.46
CA GLN A 230 -22.77 -24.82 -16.98
C GLN A 230 -21.75 -24.04 -17.79
N TRP A 231 -20.58 -24.64 -18.06
CA TRP A 231 -19.57 -23.97 -18.86
C TRP A 231 -20.02 -23.84 -20.31
N GLY A 232 -20.80 -24.80 -20.81
CA GLY A 232 -21.29 -24.71 -22.17
C GLY A 232 -22.15 -23.47 -22.39
N ARG A 233 -22.93 -23.08 -21.37
CA ARG A 233 -23.74 -21.88 -21.50
C ARG A 233 -22.87 -20.65 -21.74
N ILE A 234 -21.72 -20.57 -21.06
CA ILE A 234 -20.82 -19.45 -21.27
C ILE A 234 -20.34 -19.43 -22.72
N THR A 235 -20.00 -20.59 -23.27
CA THR A 235 -19.53 -20.65 -24.65
C THR A 235 -20.58 -20.10 -25.61
N THR A 236 -21.84 -20.48 -25.42
CA THR A 236 -22.90 -19.96 -26.28
C THR A 236 -23.04 -18.45 -26.14
N GLU A 237 -22.94 -17.94 -24.91
CA GLU A 237 -23.07 -16.50 -24.69
C GLU A 237 -21.97 -15.74 -25.40
N THR A 238 -20.74 -16.26 -25.37
CA THR A 238 -19.63 -15.58 -26.03
C THR A 238 -19.88 -15.45 -27.52
N ALA A 239 -20.38 -16.50 -28.16
CA ALA A 239 -20.64 -16.44 -29.59
C ALA A 239 -21.67 -15.36 -29.92
N ILE A 240 -22.75 -15.29 -29.15
CA ILE A 240 -23.80 -14.31 -29.43
C ILE A 240 -23.25 -12.90 -29.28
N GLN A 241 -22.49 -12.65 -28.21
CA GLN A 241 -21.99 -11.30 -27.96
C GLN A 241 -20.84 -10.95 -28.90
N LEU A 242 -19.82 -11.81 -28.96
CA LEU A 242 -18.67 -11.52 -29.79
C LEU A 242 -19.05 -11.42 -31.25
N MET A 243 -19.80 -12.40 -31.75
CA MET A 243 -20.22 -12.38 -33.15
C MET A 243 -21.12 -11.18 -33.44
N GLY A 244 -22.06 -10.89 -32.52
CA GLY A 244 -22.95 -9.76 -32.74
C GLY A 244 -22.21 -8.44 -32.85
N ILE A 245 -21.16 -8.27 -32.06
CA ILE A 245 -20.35 -7.05 -32.14
C ILE A 245 -19.73 -6.94 -33.53
N MET A 246 -19.25 -8.06 -34.07
CA MET A 246 -18.62 -8.04 -35.39
C MET A 246 -19.62 -7.64 -36.47
N LEU A 247 -20.85 -8.16 -36.39
CA LEU A 247 -21.83 -7.91 -37.45
C LEU A 247 -22.13 -6.42 -37.56
N VAL A 248 -22.47 -5.77 -36.44
CA VAL A 248 -22.82 -4.36 -36.49
C VAL A 248 -21.61 -3.53 -36.93
N LEU A 249 -20.44 -3.84 -36.40
CA LEU A 249 -19.25 -3.05 -36.74
C LEU A 249 -18.92 -3.16 -38.22
N SER A 250 -18.96 -4.38 -38.76
CA SER A 250 -18.59 -4.58 -40.16
C SER A 250 -19.57 -3.89 -41.09
N VAL A 251 -20.87 -4.07 -40.85
CA VAL A 251 -21.88 -3.51 -41.75
C VAL A 251 -21.89 -1.99 -41.67
N CYS A 252 -21.76 -1.45 -40.46
CA CYS A 252 -21.91 -0.01 -40.27
C CYS A 252 -20.88 0.76 -41.08
N TRP A 253 -19.62 0.33 -41.04
CA TRP A 253 -18.54 0.99 -41.75
C TRP A 253 -18.18 0.29 -43.05
N SER A 254 -18.92 -0.74 -43.43
CA SER A 254 -18.67 -1.40 -44.72
C SER A 254 -18.80 -0.44 -45.90
N PRO A 255 -19.89 0.33 -46.04
CA PRO A 255 -20.00 1.20 -47.22
C PRO A 255 -18.93 2.26 -47.29
N LEU A 256 -18.43 2.74 -46.15
CA LEU A 256 -17.41 3.78 -46.18
C LEU A 256 -16.15 3.30 -46.89
N LEU A 257 -15.72 2.07 -46.61
CA LEU A 257 -14.56 1.52 -47.31
C LEU A 257 -14.85 1.37 -48.80
N ILE A 258 -16.06 0.89 -49.14
CA ILE A 258 -16.41 0.73 -50.55
C ILE A 258 -16.44 2.09 -51.24
N MET A 259 -17.04 3.10 -50.59
CA MET A 259 -17.07 4.42 -51.18
C MET A 259 -15.66 4.97 -51.35
N MET A 260 -14.80 4.78 -50.35
CA MET A 260 -13.42 5.22 -50.48
C MET A 260 -12.71 4.48 -51.61
N LEU A 261 -12.94 3.17 -51.72
CA LEU A 261 -12.34 2.40 -52.80
C LEU A 261 -12.83 2.90 -54.15
N LYS A 262 -14.13 3.17 -54.27
CA LYS A 262 -14.67 3.67 -55.53
C LYS A 262 -14.05 5.00 -55.90
N MET A 263 -13.89 5.91 -54.93
CA MET A 263 -13.28 7.20 -55.22
C MET A 263 -11.85 7.04 -55.70
N ILE A 264 -11.09 6.14 -55.06
CA ILE A 264 -9.71 5.91 -55.48
C ILE A 264 -9.67 5.35 -56.90
N PHE A 265 -10.56 4.40 -57.20
CA PHE A 265 -10.58 3.82 -58.54
C PHE A 265 -10.94 4.87 -59.59
N GLN A 266 -11.89 5.74 -59.29
CA GLN A 266 -12.29 6.78 -60.21
C GLN A 266 -11.39 8.00 -60.09
N LYS A 281 -26.13 11.84 -58.41
CA LYS A 281 -26.50 10.46 -58.78
C LYS A 281 -26.00 9.48 -57.72
N GLU A 282 -24.70 9.20 -57.75
CA GLU A 282 -24.10 8.28 -56.78
C GLU A 282 -23.87 8.91 -55.42
N CYS A 283 -23.98 10.24 -55.31
CA CYS A 283 -23.77 10.90 -54.03
C CYS A 283 -24.83 10.53 -52.99
N ASN A 284 -25.95 9.94 -53.40
CA ASN A 284 -26.99 9.57 -52.45
C ASN A 284 -26.46 8.56 -51.43
N PHE A 285 -25.70 7.57 -51.89
CA PHE A 285 -25.15 6.57 -50.98
C PHE A 285 -24.23 7.21 -49.95
N PHE A 286 -23.38 8.13 -50.38
CA PHE A 286 -22.47 8.78 -49.45
C PHE A 286 -23.22 9.56 -48.38
N LEU A 287 -24.29 10.26 -48.78
CA LEU A 287 -25.06 11.04 -47.80
C LEU A 287 -25.65 10.16 -46.73
N ILE A 288 -26.20 9.00 -47.12
CA ILE A 288 -26.75 8.07 -46.14
C ILE A 288 -25.67 7.22 -45.49
N ALA A 289 -24.54 7.01 -46.17
CA ALA A 289 -23.47 6.21 -45.59
C ALA A 289 -22.94 6.85 -44.32
N VAL A 290 -22.75 8.17 -44.32
CA VAL A 290 -22.27 8.86 -43.14
C VAL A 290 -23.27 8.67 -41.99
N ARG A 291 -24.55 8.83 -42.27
CA ARG A 291 -25.57 8.60 -41.24
C ARG A 291 -25.50 7.18 -40.72
N LEU A 292 -25.17 6.22 -41.59
CA LEU A 292 -25.02 4.84 -41.15
C LEU A 292 -23.90 4.72 -40.13
N ALA A 293 -22.77 5.41 -40.36
CA ALA A 293 -21.66 5.35 -39.40
C ALA A 293 -22.08 5.89 -38.05
N SER A 294 -22.83 7.00 -38.03
CA SER A 294 -23.30 7.55 -36.77
C SER A 294 -24.19 6.56 -36.03
N LEU A 295 -24.86 5.67 -36.76
CA LEU A 295 -25.70 4.67 -36.11
C LEU A 295 -24.87 3.76 -35.21
N ASN A 296 -23.68 3.36 -35.67
CA ASN A 296 -22.83 2.51 -34.85
C ASN A 296 -22.45 3.21 -33.55
N GLN A 297 -22.09 4.49 -33.63
CA GLN A 297 -21.77 5.23 -32.42
C GLN A 297 -22.96 5.25 -31.47
N ILE A 298 -24.16 5.47 -32.00
CA ILE A 298 -25.36 5.40 -31.18
C ILE A 298 -25.55 3.99 -30.65
N LEU A 299 -25.34 2.98 -31.50
CA LEU A 299 -25.47 1.59 -31.12
C LEU A 299 -24.19 1.02 -30.52
N ASP A 300 -23.11 1.79 -30.50
CA ASP A 300 -21.85 1.28 -29.95
C ASP A 300 -21.99 0.86 -28.48
N PRO A 301 -22.55 1.67 -27.59
CA PRO A 301 -22.69 1.24 -26.20
C PRO A 301 -23.81 0.23 -26.00
N TRP A 302 -24.81 0.27 -26.89
CA TRP A 302 -25.94 -0.65 -26.77
C TRP A 302 -25.48 -2.10 -26.91
N VAL A 303 -24.59 -2.38 -27.86
CA VAL A 303 -24.15 -3.75 -28.09
C VAL A 303 -23.36 -4.26 -26.89
N TYR A 304 -22.57 -3.39 -26.26
CA TYR A 304 -21.67 -3.82 -25.20
C TYR A 304 -22.35 -3.84 -23.83
N LEU A 305 -23.26 -2.90 -23.56
CA LEU A 305 -23.85 -2.74 -22.24
C LEU A 305 -25.35 -2.94 -22.22
N LEU A 306 -26.08 -2.30 -23.14
CA LEU A 306 -27.53 -2.32 -23.06
C LEU A 306 -28.09 -3.73 -23.20
N LEU A 307 -27.53 -4.52 -24.13
CA LEU A 307 -28.05 -5.86 -24.37
C LEU A 307 -27.98 -6.73 -23.12
N ARG A 308 -27.05 -6.45 -22.21
CA ARG A 308 -26.94 -7.24 -21.00
C ARG A 308 -28.19 -7.13 -20.15
N LYS A 309 -28.76 -5.92 -20.05
CA LYS A 309 -29.95 -5.74 -19.23
C LYS A 309 -31.09 -6.62 -19.70
N ILE A 310 -31.33 -6.67 -21.01
CA ILE A 310 -32.36 -7.54 -21.55
C ILE A 310 -32.00 -9.01 -21.31
N LEU A 311 -30.73 -9.36 -21.54
CA LEU A 311 -30.31 -10.74 -21.34
C LEU A 311 -30.42 -11.16 -19.87
N LEU A 312 -30.35 -10.19 -18.95
CA LEU A 312 -30.45 -10.54 -17.53
C LEU A 312 -31.80 -11.17 -17.21
N ARG A 313 -32.88 -10.62 -17.76
CA ARG A 313 -34.21 -11.16 -17.55
C ARG A 313 -34.57 -12.27 -18.54
N LYS A 314 -33.70 -12.57 -19.50
CA LYS A 314 -33.99 -13.62 -20.46
C LYS A 314 -34.13 -14.98 -19.77
N PHE A 315 -33.25 -15.27 -18.82
CA PHE A 315 -33.29 -16.53 -18.09
C PHE A 315 -34.22 -16.44 -16.90
N THR B 5 14.82 24.88 -1.68
CA THR B 5 13.45 24.38 -1.73
C THR B 5 12.93 24.03 -0.34
N LEU B 6 11.80 23.33 -0.27
CA LEU B 6 11.18 22.98 1.00
C LEU B 6 11.80 21.74 1.63
N SER B 7 12.62 20.99 0.91
CA SER B 7 13.20 19.74 1.39
C SER B 7 14.71 19.81 1.29
N ALA B 8 15.39 19.41 2.37
CA ALA B 8 16.85 19.40 2.40
C ALA B 8 17.42 17.98 2.48
N GLU B 9 17.03 17.23 3.51
CA GLU B 9 17.31 15.80 3.58
C GLU B 9 16.15 14.96 3.11
N ASP B 10 14.92 15.48 3.19
CA ASP B 10 13.75 14.74 2.75
C ASP B 10 13.87 14.34 1.28
N LYS B 11 14.58 15.14 0.47
CA LYS B 11 14.81 14.75 -0.91
C LYS B 11 15.58 13.45 -0.98
N ALA B 12 16.61 13.29 -0.13
CA ALA B 12 17.32 12.02 -0.06
C ALA B 12 16.41 10.92 0.47
N ALA B 13 15.60 11.23 1.48
CA ALA B 13 14.68 10.24 2.01
C ALA B 13 13.64 9.84 0.99
N VAL B 14 13.12 10.81 0.23
CA VAL B 14 12.13 10.49 -0.80
C VAL B 14 12.76 9.62 -1.89
N GLU B 15 14.05 9.86 -2.18
CA GLU B 15 14.73 9.00 -3.14
C GLU B 15 14.78 7.57 -2.64
N ARG B 16 15.05 7.36 -1.35
CA ARG B 16 15.06 6.01 -0.80
C ARG B 16 13.68 5.36 -0.90
N SER B 17 12.62 6.13 -0.64
CA SER B 17 11.28 5.57 -0.73
C SER B 17 10.98 5.11 -2.15
N LYS B 18 11.43 5.87 -3.15
CA LYS B 18 11.19 5.48 -4.53
C LYS B 18 11.95 4.21 -4.90
N MET B 19 13.12 4.01 -4.29
CA MET B 19 13.87 2.78 -4.54
C MET B 19 13.19 1.58 -3.90
N ILE B 20 12.58 1.76 -2.73
CA ILE B 20 11.83 0.67 -2.11
C ILE B 20 10.57 0.38 -2.92
N ASP B 21 9.93 1.42 -3.46
CA ASP B 21 8.73 1.20 -4.27
C ASP B 21 9.03 0.30 -5.46
N ARG B 22 10.16 0.52 -6.12
CA ARG B 22 10.52 -0.31 -7.26
C ARG B 22 10.68 -1.77 -6.84
N ASN B 23 11.39 -2.00 -5.73
CA ASN B 23 11.64 -3.38 -5.30
C ASN B 23 10.33 -4.11 -5.03
N LEU B 24 9.35 -3.42 -4.45
CA LEU B 24 8.05 -4.05 -4.23
C LEU B 24 7.41 -4.46 -5.54
N ARG B 25 7.48 -3.58 -6.56
CA ARG B 25 6.88 -3.91 -7.85
C ARG B 25 7.60 -5.08 -8.51
N GLU B 26 8.94 -5.04 -8.56
CA GLU B 26 9.68 -6.11 -9.21
C GLU B 26 9.39 -7.45 -8.55
N ASP B 27 9.40 -7.49 -7.21
CA ASP B 27 9.03 -8.73 -6.53
C ASP B 27 7.53 -8.96 -6.59
N GLY B 28 6.75 -7.90 -6.80
CA GLY B 28 5.31 -8.07 -6.96
C GLY B 28 4.94 -8.72 -8.27
N GLU B 29 5.80 -8.59 -9.29
CA GLU B 29 5.55 -9.28 -10.55
C GLU B 29 5.60 -10.79 -10.36
N LYS B 30 6.54 -11.27 -9.55
CA LYS B 30 6.67 -12.71 -9.35
C LYS B 30 5.41 -13.29 -8.71
N ALA B 31 4.83 -12.57 -7.75
CA ALA B 31 3.60 -13.04 -7.13
C ALA B 31 2.47 -13.15 -8.14
N ALA B 32 2.35 -12.17 -9.04
CA ALA B 32 1.29 -12.20 -10.03
C ALA B 32 1.45 -13.41 -10.96
N ARG B 33 2.68 -13.69 -11.40
CA ARG B 33 2.96 -14.83 -12.26
C ARG B 33 3.13 -16.10 -11.42
N GLU B 34 2.09 -16.40 -10.64
CA GLU B 34 2.13 -17.54 -9.74
C GLU B 34 0.71 -17.92 -9.37
N VAL B 35 0.51 -19.20 -9.08
CA VAL B 35 -0.77 -19.74 -8.65
C VAL B 35 -0.58 -20.45 -7.33
N LYS B 36 -1.44 -20.15 -6.35
CA LYS B 36 -1.39 -20.77 -5.04
C LYS B 36 -2.47 -21.84 -4.94
N LEU B 37 -2.09 -22.99 -4.39
CA LEU B 37 -2.98 -24.14 -4.28
C LEU B 37 -3.04 -24.59 -2.83
N LEU B 38 -4.25 -24.78 -2.32
CA LEU B 38 -4.49 -25.23 -0.96
C LEU B 38 -5.00 -26.66 -0.97
N LEU B 39 -4.39 -27.52 -0.17
CA LEU B 39 -4.78 -28.91 -0.05
C LEU B 39 -5.52 -29.12 1.27
N LEU B 40 -6.69 -29.75 1.19
CA LEU B 40 -7.51 -30.02 2.36
C LEU B 40 -7.98 -31.47 2.34
N GLY B 41 -8.14 -32.04 3.53
CA GLY B 41 -8.58 -33.41 3.66
C GLY B 41 -7.57 -34.40 3.10
N THR B 183 5.55 -28.84 13.53
CA THR B 183 4.45 -27.88 13.54
C THR B 183 4.64 -26.83 12.46
N GLY B 184 3.61 -26.00 12.26
CA GLY B 184 3.67 -24.93 11.29
C GLY B 184 2.92 -25.25 10.01
N ILE B 185 3.38 -24.70 8.89
CA ILE B 185 2.75 -24.91 7.59
C ILE B 185 3.82 -25.40 6.64
N VAL B 186 3.50 -26.44 5.86
CA VAL B 186 4.45 -27.07 4.94
C VAL B 186 4.17 -26.56 3.54
N GLU B 187 5.24 -26.18 2.83
CA GLU B 187 5.14 -25.66 1.48
C GLU B 187 5.94 -26.54 0.53
N THR B 188 5.41 -26.72 -0.68
CA THR B 188 6.06 -27.52 -1.71
C THR B 188 6.04 -26.73 -3.01
N HIS B 189 7.23 -26.33 -3.47
CA HIS B 189 7.37 -25.51 -4.67
C HIS B 189 7.98 -26.36 -5.78
N PHE B 190 7.27 -26.43 -6.91
CA PHE B 190 7.75 -27.13 -8.09
C PHE B 190 7.37 -26.33 -9.33
N THR B 191 8.32 -26.20 -10.25
CA THR B 191 8.10 -25.45 -11.48
C THR B 191 7.46 -26.34 -12.53
N PHE B 192 6.64 -25.72 -13.38
CA PHE B 192 5.95 -26.45 -14.45
C PHE B 192 5.72 -25.48 -15.60
N LYS B 193 6.59 -25.53 -16.61
CA LYS B 193 6.51 -24.69 -17.81
C LYS B 193 6.14 -23.25 -17.45
N ASP B 194 7.01 -22.63 -16.64
CA ASP B 194 6.94 -21.22 -16.26
C ASP B 194 5.88 -20.96 -15.19
N LEU B 195 5.25 -21.98 -14.63
CA LEU B 195 4.28 -21.84 -13.55
C LEU B 195 4.91 -22.43 -12.29
N HIS B 196 5.47 -21.58 -11.44
CA HIS B 196 6.16 -22.04 -10.25
C HIS B 196 5.16 -22.46 -9.18
N PHE B 197 4.41 -23.52 -9.46
CA PHE B 197 3.33 -23.96 -8.58
C PHE B 197 3.78 -23.97 -7.12
N LYS B 198 3.00 -23.31 -6.27
CA LYS B 198 3.26 -23.23 -4.84
C LYS B 198 2.14 -23.97 -4.13
N MET B 199 2.31 -25.27 -3.95
CA MET B 199 1.31 -26.10 -3.28
C MET B 199 1.69 -26.23 -1.81
N PHE B 200 0.81 -25.77 -0.92
CA PHE B 200 1.02 -25.80 0.51
C PHE B 200 -0.17 -26.45 1.20
N ASP B 201 0.10 -27.21 2.26
CA ASP B 201 -0.91 -27.95 2.99
C ASP B 201 -1.12 -27.31 4.36
N VAL B 202 -2.38 -27.30 4.80
CA VAL B 202 -2.72 -26.76 6.11
C VAL B 202 -1.95 -27.50 7.20
N GLU B 208 -13.17 -22.82 15.84
CA GLU B 208 -11.74 -23.08 15.89
C GLU B 208 -11.19 -23.34 14.50
N ARG B 209 -11.40 -24.56 14.01
CA ARG B 209 -10.93 -24.92 12.68
C ARG B 209 -11.65 -24.16 11.57
N LYS B 210 -12.78 -23.52 11.88
CA LYS B 210 -13.50 -22.72 10.90
C LYS B 210 -12.95 -21.31 10.76
N LYS B 211 -12.01 -20.91 11.62
CA LYS B 211 -11.43 -19.57 11.58
C LYS B 211 -10.24 -19.46 10.63
N TRP B 212 -9.74 -20.58 10.12
CA TRP B 212 -8.59 -20.55 9.21
C TRP B 212 -8.99 -20.34 7.76
N ILE B 213 -10.29 -20.18 7.47
CA ILE B 213 -10.74 -20.05 6.09
C ILE B 213 -10.69 -18.61 5.60
N HIS B 214 -10.78 -17.62 6.51
CA HIS B 214 -10.74 -16.24 6.07
C HIS B 214 -9.36 -15.88 5.49
N CYS B 215 -8.30 -16.42 6.09
CA CYS B 215 -6.95 -16.07 5.68
C CYS B 215 -6.57 -16.70 4.35
N PHE B 216 -7.06 -17.91 4.07
CA PHE B 216 -6.70 -18.62 2.85
C PHE B 216 -7.53 -18.18 1.65
N GLU B 217 -8.55 -17.35 1.85
CA GLU B 217 -9.37 -16.90 0.73
C GLU B 217 -8.50 -16.25 -0.34
N GLY B 218 -8.88 -16.46 -1.60
CA GLY B 218 -8.14 -15.96 -2.73
C GLY B 218 -7.24 -16.98 -3.40
N VAL B 219 -7.04 -18.14 -2.78
CA VAL B 219 -6.25 -19.18 -3.41
C VAL B 219 -6.93 -19.60 -4.72
N THR B 220 -6.10 -20.00 -5.69
CA THR B 220 -6.63 -20.30 -7.03
C THR B 220 -7.61 -21.46 -6.98
N ALA B 221 -7.28 -22.52 -6.24
CA ALA B 221 -8.12 -23.70 -6.21
C ALA B 221 -7.83 -24.49 -4.94
N ILE B 222 -8.74 -25.43 -4.64
CA ILE B 222 -8.63 -26.31 -3.49
C ILE B 222 -8.55 -27.73 -3.99
N ILE B 223 -7.59 -28.50 -3.45
CA ILE B 223 -7.33 -29.86 -3.90
C ILE B 223 -7.74 -30.84 -2.82
N PHE B 224 -8.45 -31.89 -3.21
CA PHE B 224 -8.86 -32.96 -2.32
C PHE B 224 -8.27 -34.27 -2.79
N CYS B 225 -7.71 -35.05 -1.86
CA CYS B 225 -7.12 -36.35 -2.16
C CYS B 225 -7.88 -37.39 -1.34
N VAL B 226 -8.65 -38.24 -2.02
CA VAL B 226 -9.43 -39.28 -1.36
C VAL B 226 -10.14 -40.12 -2.40
N LEU B 250 -19.17 -33.54 3.34
CA LEU B 250 -18.43 -32.43 3.94
C LEU B 250 -18.02 -31.42 2.88
N PHE B 251 -17.76 -31.91 1.67
CA PHE B 251 -17.36 -31.02 0.58
C PHE B 251 -18.47 -30.04 0.23
N ASP B 252 -19.74 -30.45 0.37
CA ASP B 252 -20.84 -29.56 0.04
C ASP B 252 -20.86 -28.34 0.96
N SER B 253 -20.64 -28.56 2.26
CA SER B 253 -20.69 -27.45 3.21
C SER B 253 -19.57 -26.45 2.97
N ILE B 254 -18.38 -26.94 2.61
CA ILE B 254 -17.25 -26.03 2.42
C ILE B 254 -17.49 -25.11 1.23
N CYS B 255 -18.16 -25.61 0.19
CA CYS B 255 -18.34 -24.84 -1.03
C CYS B 255 -19.28 -23.65 -0.86
N ASN B 256 -20.05 -23.59 0.23
CA ASN B 256 -21.03 -22.53 0.45
C ASN B 256 -20.80 -21.87 1.80
N ASN B 257 -19.55 -21.50 2.08
CA ASN B 257 -19.17 -20.84 3.33
C ASN B 257 -18.87 -19.36 3.13
N LYS B 258 -19.28 -18.78 2.00
CA LYS B 258 -19.08 -17.39 1.63
C LYS B 258 -17.61 -17.06 1.38
N TRP B 259 -16.70 -18.03 1.46
CA TRP B 259 -15.27 -17.82 1.23
C TRP B 259 -14.78 -18.53 -0.02
N PHE B 260 -15.01 -19.84 -0.12
CA PHE B 260 -14.61 -20.63 -1.27
C PHE B 260 -15.75 -20.79 -2.28
N THR B 261 -16.75 -19.91 -2.23
CA THR B 261 -17.85 -19.99 -3.18
C THR B 261 -17.36 -19.78 -4.61
N ASP B 262 -16.45 -18.82 -4.81
CA ASP B 262 -15.92 -18.49 -6.13
C ASP B 262 -14.56 -19.12 -6.38
N THR B 263 -14.31 -20.31 -5.80
CA THR B 263 -13.04 -21.00 -5.96
C THR B 263 -13.31 -22.42 -6.45
N SER B 264 -12.55 -22.84 -7.46
CA SER B 264 -12.72 -24.17 -8.01
C SER B 264 -12.21 -25.22 -7.03
N ILE B 265 -12.73 -26.44 -7.15
CA ILE B 265 -12.37 -27.56 -6.30
C ILE B 265 -11.88 -28.68 -7.20
N ILE B 266 -10.72 -29.24 -6.87
CA ILE B 266 -10.12 -30.35 -7.61
C ILE B 266 -10.07 -31.57 -6.69
N LEU B 267 -10.57 -32.70 -7.20
CA LEU B 267 -10.68 -33.92 -6.41
C LEU B 267 -9.96 -35.04 -7.14
N PHE B 268 -9.11 -35.77 -6.42
CA PHE B 268 -8.36 -36.89 -6.97
C PHE B 268 -8.89 -38.20 -6.40
N LEU B 269 -9.01 -39.20 -7.25
CA LEU B 269 -9.49 -40.53 -6.86
C LEU B 269 -8.31 -41.46 -6.72
N ASN B 270 -8.24 -42.18 -5.60
CA ASN B 270 -7.16 -43.12 -5.35
C ASN B 270 -7.62 -44.25 -4.44
N LYS B 318 -17.75 -22.01 -9.59
CA LYS B 318 -17.10 -23.20 -9.05
C LYS B 318 -17.36 -24.41 -9.93
N GLU B 319 -16.31 -24.88 -10.59
CA GLU B 319 -16.38 -26.04 -11.48
C GLU B 319 -15.62 -27.18 -10.82
N ILE B 320 -16.35 -28.06 -10.13
CA ILE B 320 -15.72 -29.19 -9.45
C ILE B 320 -15.18 -30.16 -10.48
N TYR B 321 -13.92 -30.55 -10.33
CA TYR B 321 -13.23 -31.40 -11.28
C TYR B 321 -12.80 -32.69 -10.59
N THR B 322 -13.09 -33.81 -11.23
CA THR B 322 -12.75 -35.12 -10.69
C THR B 322 -11.92 -35.89 -11.73
N HIS B 323 -10.80 -36.44 -11.29
CA HIS B 323 -9.91 -37.20 -12.16
C HIS B 323 -9.41 -38.42 -11.40
N PHE B 324 -9.27 -39.53 -12.11
CA PHE B 324 -8.77 -40.77 -11.53
C PHE B 324 -7.25 -40.78 -11.58
N THR B 325 -6.63 -41.01 -10.43
CA THR B 325 -5.18 -41.01 -10.35
C THR B 325 -4.60 -42.14 -11.20
N CYS B 326 -3.43 -41.88 -11.78
CA CYS B 326 -2.73 -42.84 -12.61
C CYS B 326 -1.29 -42.98 -12.12
N ALA B 327 -0.68 -44.13 -12.44
CA ALA B 327 0.66 -44.40 -11.94
C ALA B 327 1.66 -43.34 -12.41
N THR B 328 1.59 -42.98 -13.69
CA THR B 328 2.49 -41.95 -14.21
C THR B 328 2.23 -40.62 -13.51
N ASP B 329 3.30 -39.95 -13.11
CA ASP B 329 3.17 -38.67 -12.43
C ASP B 329 2.85 -37.53 -13.38
N THR B 330 3.35 -37.60 -14.62
CA THR B 330 3.15 -36.50 -15.55
C THR B 330 1.66 -36.31 -15.87
N LYS B 331 0.94 -37.41 -16.07
CA LYS B 331 -0.48 -37.30 -16.40
C LYS B 331 -1.26 -36.59 -15.30
N ASN B 332 -1.00 -36.95 -14.04
CA ASN B 332 -1.68 -36.29 -12.94
C ASN B 332 -1.33 -34.81 -12.89
N VAL B 333 -0.06 -34.47 -13.08
CA VAL B 333 0.34 -33.08 -13.08
C VAL B 333 -0.25 -32.35 -14.27
N GLN B 334 -0.38 -33.03 -15.41
CA GLN B 334 -0.97 -32.39 -16.59
C GLN B 334 -2.42 -32.00 -16.33
N PHE B 335 -3.19 -32.88 -15.68
CA PHE B 335 -4.60 -32.58 -15.43
C PHE B 335 -4.76 -31.36 -14.55
N VAL B 336 -3.98 -31.29 -13.47
CA VAL B 336 -4.12 -30.17 -12.54
C VAL B 336 -3.67 -28.88 -13.20
N PHE B 337 -2.63 -28.94 -14.05
CA PHE B 337 -2.20 -27.74 -14.76
C PHE B 337 -3.31 -27.22 -15.66
N ASP B 338 -4.01 -28.12 -16.37
CA ASP B 338 -5.13 -27.68 -17.19
C ASP B 338 -6.24 -27.10 -16.33
N ALA B 339 -6.52 -27.74 -15.18
CA ALA B 339 -7.59 -27.25 -14.32
C ALA B 339 -7.32 -25.84 -13.83
N VAL B 340 -6.04 -25.50 -13.61
CA VAL B 340 -5.69 -24.15 -13.21
C VAL B 340 -5.87 -23.18 -14.37
N THR B 341 -5.61 -23.63 -15.60
CA THR B 341 -5.68 -22.73 -16.74
C THR B 341 -7.11 -22.22 -16.95
N ASP B 342 -8.08 -23.13 -17.03
CA ASP B 342 -9.44 -22.71 -17.35
C ASP B 342 -10.01 -21.80 -16.26
N VAL B 343 -9.76 -22.13 -14.99
CA VAL B 343 -10.22 -21.25 -13.92
C VAL B 343 -9.59 -19.88 -14.05
N ILE B 344 -8.36 -19.82 -14.56
CA ILE B 344 -7.74 -18.53 -14.87
C ILE B 344 -8.46 -17.89 -16.06
N ILE B 345 -8.87 -18.69 -17.03
CA ILE B 345 -9.61 -18.16 -18.18
C ILE B 345 -10.91 -17.53 -17.71
N LYS B 346 -11.64 -18.23 -16.83
CA LYS B 346 -12.92 -17.70 -16.36
C LYS B 346 -12.73 -16.37 -15.65
N ASN B 347 -11.68 -16.24 -14.83
CA ASN B 347 -11.41 -14.98 -14.17
C ASN B 347 -11.13 -13.88 -15.17
N ASN B 348 -10.34 -14.19 -16.21
CA ASN B 348 -10.00 -13.18 -17.21
C ASN B 348 -11.25 -12.69 -17.93
N LEU B 349 -12.09 -13.61 -18.39
CA LEU B 349 -13.32 -13.22 -19.07
C LEU B 349 -14.23 -12.43 -18.15
N LYS B 350 -14.36 -12.85 -16.90
CA LYS B 350 -15.17 -12.10 -15.94
C LYS B 350 -14.63 -10.70 -15.74
N ASP B 351 -13.32 -10.51 -15.85
CA ASP B 351 -12.70 -9.21 -15.70
C ASP B 351 -12.58 -8.46 -17.02
N CYS B 352 -12.97 -9.06 -18.14
CA CYS B 352 -12.89 -8.43 -19.44
C CYS B 352 -14.23 -7.86 -19.90
N GLY B 353 -15.21 -7.80 -19.01
CA GLY B 353 -16.52 -7.28 -19.39
C GLY B 353 -17.21 -8.14 -20.43
N LEU B 354 -17.09 -9.46 -20.32
CA LEU B 354 -17.72 -10.39 -21.24
C LEU B 354 -18.72 -11.32 -20.56
N PHE B 355 -18.48 -11.67 -19.30
CA PHE B 355 -19.40 -12.54 -18.56
C PHE B 355 -19.51 -12.09 -17.11
N ASP C 10 -16.70 -36.27 38.31
CA ASP C 10 -18.07 -35.79 38.23
C ASP C 10 -18.46 -35.06 39.51
N GLN C 11 -17.83 -35.42 40.63
CA GLN C 11 -18.13 -34.78 41.89
C GLN C 11 -17.79 -33.29 41.84
N LEU C 12 -16.66 -32.93 41.24
CA LEU C 12 -16.26 -31.53 41.15
C LEU C 12 -17.24 -30.72 40.29
N ARG C 13 -18.01 -31.38 39.42
CA ARG C 13 -18.96 -30.65 38.59
C ARG C 13 -20.00 -29.93 39.45
N GLN C 14 -20.50 -30.60 40.49
CA GLN C 14 -21.46 -29.95 41.39
C GLN C 14 -20.84 -28.75 42.07
N GLU C 15 -19.59 -28.87 42.52
CA GLU C 15 -18.92 -27.75 43.15
C GLU C 15 -18.77 -26.59 42.17
N ALA C 16 -18.40 -26.89 40.93
CA ALA C 16 -18.27 -25.83 39.92
C ALA C 16 -19.60 -25.12 39.71
N GLU C 17 -20.69 -25.88 39.59
CA GLU C 17 -22.00 -25.26 39.48
C GLU C 17 -22.34 -24.46 40.72
N GLN C 18 -22.02 -25.00 41.90
CA GLN C 18 -22.26 -24.27 43.14
C GLN C 18 -21.38 -23.03 43.27
N LEU C 19 -20.32 -22.92 42.46
CA LEU C 19 -19.44 -21.77 42.48
C LEU C 19 -19.82 -20.74 41.42
N LYS C 20 -20.13 -21.19 40.20
CA LYS C 20 -20.49 -20.25 39.14
C LYS C 20 -21.73 -19.46 39.50
N ASN C 21 -22.75 -20.14 40.05
CA ASN C 21 -23.97 -19.44 40.43
C ASN C 21 -23.68 -18.42 41.54
N GLN C 22 -22.83 -18.77 42.50
CA GLN C 22 -22.47 -17.84 43.55
C GLN C 22 -21.78 -16.61 42.97
N ILE C 23 -20.88 -16.81 42.01
CA ILE C 23 -20.22 -15.67 41.37
C ILE C 23 -21.25 -14.83 40.61
N ARG C 24 -22.16 -15.49 39.89
CA ARG C 24 -23.17 -14.75 39.15
C ARG C 24 -24.05 -13.91 40.08
N ASP C 25 -24.45 -14.48 41.21
CA ASP C 25 -25.26 -13.72 42.16
C ASP C 25 -24.49 -12.53 42.71
N ALA C 26 -23.21 -12.73 43.04
CA ALA C 26 -22.41 -11.64 43.59
C ALA C 26 -22.32 -10.48 42.62
N ARG C 27 -22.10 -10.77 41.33
CA ARG C 27 -22.02 -9.70 40.34
C ARG C 27 -23.34 -8.93 40.27
N LYS C 28 -24.46 -9.64 40.29
CA LYS C 28 -25.76 -8.97 40.24
C LYS C 28 -25.97 -8.06 41.43
N ALA C 29 -25.31 -8.31 42.55
CA ALA C 29 -25.47 -7.45 43.72
C ALA C 29 -25.04 -6.02 43.42
N CYS C 30 -23.92 -5.85 42.73
CA CYS C 30 -23.45 -4.52 42.38
C CYS C 30 -24.22 -3.91 41.22
N ALA C 31 -25.10 -4.66 40.56
CA ALA C 31 -25.87 -4.14 39.45
C ALA C 31 -26.99 -3.23 39.96
N ASP C 32 -26.64 -1.98 40.28
CA ASP C 32 -27.61 -1.02 40.79
C ASP C 32 -28.16 -0.09 39.71
N ALA C 33 -27.44 0.10 38.61
CA ALA C 33 -27.89 0.96 37.53
C ALA C 33 -27.13 0.57 36.27
N THR C 34 -27.28 1.38 35.21
CA THR C 34 -26.60 1.16 33.95
C THR C 34 -26.04 2.47 33.45
N LEU C 35 -24.97 2.38 32.66
CA LEU C 35 -24.35 3.59 32.12
C LEU C 35 -25.30 4.36 31.21
N SER C 36 -26.14 3.64 30.45
CA SER C 36 -27.08 4.31 29.56
C SER C 36 -28.03 5.22 30.33
N GLN C 37 -28.30 4.89 31.60
CA GLN C 37 -29.17 5.70 32.44
C GLN C 37 -28.42 6.68 33.33
N ILE C 38 -27.18 6.34 33.72
CA ILE C 38 -26.41 7.23 34.58
C ILE C 38 -26.00 8.49 33.82
N THR C 39 -25.55 8.33 32.57
CA THR C 39 -25.03 9.44 31.78
C THR C 39 -26.05 9.95 30.77
N ASN C 40 -27.35 9.89 31.11
CA ASN C 40 -28.36 10.42 30.21
C ASN C 40 -28.29 11.93 30.08
N ASN C 41 -27.64 12.61 31.01
CA ASN C 41 -27.54 14.07 30.98
C ASN C 41 -26.27 14.56 30.31
N ILE C 42 -25.45 13.67 29.78
CA ILE C 42 -24.22 14.06 29.10
C ILE C 42 -24.55 14.56 27.71
N ASP C 43 -24.07 15.76 27.38
CA ASP C 43 -24.34 16.33 26.06
C ASP C 43 -23.69 15.48 24.98
N PRO C 44 -24.44 15.07 23.95
CA PRO C 44 -23.82 14.27 22.88
C PRO C 44 -22.68 15.02 22.21
N VAL C 45 -21.67 14.26 21.79
CA VAL C 45 -20.52 14.85 21.12
C VAL C 45 -20.90 15.45 19.77
N GLY C 46 -22.03 15.04 19.20
CA GLY C 46 -22.45 15.56 17.92
C GLY C 46 -21.80 14.82 16.76
N ARG C 47 -22.25 15.16 15.56
CA ARG C 47 -21.72 14.52 14.37
C ARG C 47 -20.21 14.76 14.28
N ILE C 48 -19.47 13.68 14.03
CA ILE C 48 -18.02 13.73 13.90
C ILE C 48 -17.68 13.28 12.48
N GLN C 49 -17.08 14.19 11.71
CA GLN C 49 -16.68 13.91 10.33
C GLN C 49 -15.17 13.97 10.24
N MET C 50 -14.57 12.95 9.64
CA MET C 50 -13.13 12.85 9.47
C MET C 50 -12.82 12.54 8.02
N ARG C 51 -11.79 13.19 7.49
CA ARG C 51 -11.39 13.05 6.10
C ARG C 51 -10.04 12.35 6.02
N THR C 52 -9.88 11.51 5.00
CA THR C 52 -8.64 10.76 4.82
C THR C 52 -7.54 11.74 4.44
N ARG C 53 -6.69 12.07 5.41
CA ARG C 53 -5.62 13.03 5.15
C ARG C 53 -4.52 12.41 4.28
N ARG C 54 -4.13 11.17 4.58
CA ARG C 54 -3.11 10.47 3.83
C ARG C 54 -3.62 9.09 3.45
N THR C 55 -3.13 8.60 2.32
CA THR C 55 -3.51 7.28 1.80
C THR C 55 -2.23 6.55 1.43
N LEU C 56 -1.70 5.77 2.36
CA LEU C 56 -0.48 5.03 2.11
C LEU C 56 -0.76 3.83 1.21
N ARG C 57 0.04 3.67 0.16
CA ARG C 57 -0.12 2.58 -0.78
C ARG C 57 1.24 2.01 -1.10
N GLY C 58 1.23 0.75 -1.57
CA GLY C 58 2.47 0.05 -1.84
C GLY C 58 2.38 -1.43 -1.51
N HIS C 59 1.31 -1.82 -0.82
CA HIS C 59 1.04 -3.23 -0.58
C HIS C 59 0.32 -3.84 -1.77
N LEU C 60 0.59 -5.12 -2.02
CA LEU C 60 0.01 -5.84 -3.14
C LEU C 60 -0.84 -7.02 -2.67
N ALA C 61 -1.48 -6.89 -1.52
CA ALA C 61 -2.33 -7.95 -1.00
C ALA C 61 -3.07 -7.40 0.21
N LYS C 62 -3.86 -8.25 0.85
CA LYS C 62 -4.65 -7.83 2.00
C LYS C 62 -3.73 -7.46 3.16
N ILE C 63 -4.11 -6.42 3.90
CA ILE C 63 -3.36 -5.95 5.05
C ILE C 63 -4.00 -6.51 6.30
N TYR C 64 -3.26 -7.34 7.04
CA TYR C 64 -3.81 -8.07 8.17
C TYR C 64 -3.51 -7.44 9.52
N ALA C 65 -2.53 -6.54 9.60
CA ALA C 65 -2.13 -5.99 10.88
C ALA C 65 -1.49 -4.63 10.67
N MET C 66 -1.34 -3.90 11.77
CA MET C 66 -0.77 -2.56 11.76
C MET C 66 -0.57 -2.11 13.19
N HIS C 67 0.45 -1.29 13.42
CA HIS C 67 0.74 -0.78 14.75
C HIS C 67 1.42 0.58 14.63
N TRP C 68 1.14 1.44 15.59
CA TRP C 68 1.68 2.79 15.64
C TRP C 68 2.88 2.83 16.56
N GLY C 69 3.95 3.47 16.10
CA GLY C 69 5.07 3.74 16.98
C GLY C 69 4.70 4.74 18.06
N THR C 70 5.33 4.58 19.23
CA THR C 70 5.01 5.46 20.36
C THR C 70 5.27 6.92 20.03
N ASP C 71 6.13 7.21 19.07
CA ASP C 71 6.33 8.59 18.64
C ASP C 71 5.15 9.13 17.85
N SER C 72 4.20 8.28 17.48
CA SER C 72 2.98 8.68 16.77
C SER C 72 3.25 9.15 15.36
N ARG C 73 4.37 8.75 14.78
CA ARG C 73 4.69 9.11 13.39
C ARG C 73 5.02 7.91 12.53
N LEU C 74 5.69 6.90 13.08
CA LEU C 74 6.09 5.74 12.31
C LEU C 74 5.07 4.62 12.47
N LEU C 75 4.71 4.01 11.35
CA LEU C 75 3.61 3.05 11.28
C LEU C 75 4.10 1.81 10.56
N VAL C 76 3.90 0.65 11.16
CA VAL C 76 4.26 -0.63 10.55
C VAL C 76 2.99 -1.30 10.06
N SER C 77 3.13 -2.16 9.06
CA SER C 77 1.99 -2.87 8.50
C SER C 77 2.47 -4.16 7.88
N ALA C 78 1.66 -5.22 8.01
CA ALA C 78 1.98 -6.53 7.46
C ALA C 78 0.84 -6.97 6.56
N SER C 79 1.20 -7.58 5.42
CA SER C 79 0.22 -8.03 4.45
C SER C 79 0.60 -9.42 3.96
N GLN C 80 -0.26 -10.01 3.13
CA GLN C 80 -0.02 -11.33 2.60
C GLN C 80 1.12 -11.36 1.59
N ASP C 81 1.63 -10.21 1.18
CA ASP C 81 2.80 -10.16 0.32
C ASP C 81 4.04 -10.71 1.01
N GLY C 82 3.98 -10.95 2.32
CA GLY C 82 5.16 -11.35 3.06
C GLY C 82 6.17 -10.23 3.18
N LYS C 83 5.71 -9.00 3.41
CA LYS C 83 6.59 -7.84 3.49
C LYS C 83 6.03 -6.87 4.52
N LEU C 84 6.78 -6.65 5.60
CA LEU C 84 6.51 -5.53 6.49
C LEU C 84 7.01 -4.24 5.87
N ILE C 85 6.28 -3.16 6.08
CA ILE C 85 6.68 -1.83 5.62
C ILE C 85 6.55 -0.87 6.78
N ILE C 86 7.62 -0.16 7.08
CA ILE C 86 7.62 0.89 8.10
C ILE C 86 7.34 2.20 7.39
N TRP C 87 6.15 2.77 7.63
CA TRP C 87 5.74 3.98 6.94
C TRP C 87 6.12 5.22 7.74
N ASP C 88 6.24 6.33 7.04
CA ASP C 88 6.33 7.66 7.65
C ASP C 88 5.00 8.35 7.38
N SER C 89 4.13 8.35 8.39
CA SER C 89 2.75 8.79 8.16
C SER C 89 2.69 10.25 7.75
N TYR C 90 3.59 11.09 8.27
CA TYR C 90 3.53 12.51 7.94
C TYR C 90 3.74 12.75 6.45
N THR C 91 4.68 12.03 5.84
CA THR C 91 5.02 12.23 4.44
C THR C 91 4.72 11.03 3.55
N THR C 92 4.17 9.96 4.10
CA THR C 92 3.83 8.74 3.36
C THR C 92 5.07 8.03 2.82
N ASN C 93 6.26 8.43 3.24
CA ASN C 93 7.48 7.78 2.79
C ASN C 93 7.60 6.39 3.40
N LYS C 94 8.40 5.55 2.75
CA LYS C 94 8.70 4.22 3.24
C LYS C 94 10.08 4.24 3.90
N VAL C 95 10.14 3.79 5.15
CA VAL C 95 11.40 3.77 5.87
C VAL C 95 12.11 2.43 5.70
N HIS C 96 11.36 1.33 5.69
CA HIS C 96 11.94 0.00 5.52
C HIS C 96 10.94 -0.87 4.79
N ALA C 97 11.45 -1.97 4.23
CA ALA C 97 10.62 -3.00 3.60
C ALA C 97 11.26 -4.34 3.94
N ILE C 98 10.72 -5.01 4.95
CA ILE C 98 11.32 -6.22 5.51
C ILE C 98 10.71 -7.42 4.78
N PRO C 99 11.51 -8.28 4.14
CA PRO C 99 10.96 -9.50 3.56
C PRO C 99 10.83 -10.60 4.60
N LEU C 100 9.78 -11.41 4.44
CA LEU C 100 9.42 -12.42 5.41
C LEU C 100 9.65 -13.82 4.85
N ARG C 101 10.09 -14.73 5.71
CA ARG C 101 10.35 -16.10 5.27
C ARG C 101 9.08 -16.77 4.76
N SER C 102 7.97 -16.58 5.48
CA SER C 102 6.68 -17.16 5.10
C SER C 102 5.66 -16.04 4.99
N SER C 103 4.93 -16.00 3.89
CA SER C 103 3.95 -14.95 3.65
C SER C 103 2.59 -15.32 4.22
N TRP C 104 2.58 -15.70 5.50
CA TRP C 104 1.35 -15.95 6.25
C TRP C 104 1.52 -15.19 7.56
N VAL C 105 1.15 -13.92 7.56
CA VAL C 105 1.28 -13.05 8.74
C VAL C 105 -0.10 -12.58 9.15
N MET C 106 -0.44 -12.77 10.42
CA MET C 106 -1.72 -12.35 10.96
C MET C 106 -1.59 -11.26 12.01
N THR C 107 -0.37 -10.81 12.30
CA THR C 107 -0.18 -9.82 13.34
C THR C 107 1.15 -9.11 13.13
N CYS C 108 1.30 -7.98 13.79
CA CYS C 108 2.57 -7.26 13.83
C CYS C 108 2.57 -6.37 15.06
N ALA C 109 3.76 -5.94 15.45
CA ALA C 109 3.90 -5.05 16.60
C ALA C 109 5.16 -4.22 16.40
N TYR C 110 5.09 -2.96 16.81
CA TYR C 110 6.21 -2.04 16.69
C TYR C 110 6.66 -1.70 18.10
N ALA C 111 7.92 -1.96 18.39
CA ALA C 111 8.38 -1.90 19.77
C ALA C 111 8.22 -0.49 20.32
N PRO C 112 7.92 -0.35 21.62
CA PRO C 112 7.70 1.00 22.18
C PRO C 112 8.90 1.91 22.01
N SER C 113 10.11 1.37 22.14
CA SER C 113 11.31 2.18 21.94
C SER C 113 11.63 2.40 20.47
N GLY C 114 11.00 1.64 19.57
CA GLY C 114 11.24 1.80 18.15
C GLY C 114 12.41 1.02 17.62
N ASN C 115 13.15 0.31 18.46
CA ASN C 115 14.31 -0.43 17.98
C ASN C 115 13.90 -1.69 17.23
N TYR C 116 12.90 -2.41 17.73
CA TYR C 116 12.52 -3.70 17.19
C TYR C 116 11.10 -3.66 16.62
N VAL C 117 10.83 -4.60 15.72
CA VAL C 117 9.49 -4.83 15.21
C VAL C 117 9.28 -6.33 15.10
N ALA C 118 8.11 -6.79 15.53
CA ALA C 118 7.81 -8.21 15.57
C ALA C 118 6.64 -8.55 14.65
N CYS C 119 6.56 -9.81 14.27
CA CYS C 119 5.47 -10.29 13.42
C CYS C 119 5.38 -11.81 13.57
N GLY C 120 4.28 -12.36 13.06
CA GLY C 120 4.07 -13.78 13.12
C GLY C 120 2.78 -14.15 12.41
N GLY C 121 2.48 -15.44 12.41
CA GLY C 121 1.28 -15.91 11.76
C GLY C 121 1.12 -17.41 11.75
N LEU C 122 0.73 -17.96 10.58
CA LEU C 122 0.40 -19.38 10.49
C LEU C 122 1.61 -20.28 10.68
N ASP C 123 2.83 -19.73 10.69
CA ASP C 123 4.03 -20.53 10.85
C ASP C 123 4.31 -20.85 12.31
N ASN C 124 3.49 -20.34 13.24
CA ASN C 124 3.67 -20.59 14.67
C ASN C 124 5.01 -20.06 15.16
N ILE C 125 5.52 -19.01 14.51
CA ILE C 125 6.82 -18.44 14.83
C ILE C 125 6.67 -16.93 14.94
N CYS C 126 7.23 -16.36 16.00
CA CYS C 126 7.26 -14.92 16.21
C CYS C 126 8.68 -14.43 15.95
N SER C 127 8.87 -13.68 14.88
CA SER C 127 10.19 -13.21 14.47
C SER C 127 10.38 -11.77 14.90
N ILE C 128 11.45 -11.52 15.64
CA ILE C 128 11.78 -10.18 16.13
C ILE C 128 12.85 -9.61 15.21
N TYR C 129 12.52 -8.52 14.51
CA TYR C 129 13.44 -7.87 13.60
C TYR C 129 14.08 -6.66 14.28
N ASN C 130 15.33 -6.40 13.93
CA ASN C 130 16.11 -5.31 14.51
C ASN C 130 16.18 -4.18 13.50
N LEU C 131 15.54 -3.06 13.81
CA LEU C 131 15.50 -1.94 12.87
C LEU C 131 16.78 -1.09 12.98
N LYS C 132 17.02 -0.52 14.15
CA LYS C 132 18.19 0.34 14.35
C LYS C 132 19.38 -0.54 14.67
N THR C 133 20.21 -0.81 13.65
CA THR C 133 21.41 -1.62 13.80
C THR C 133 22.51 -1.02 12.93
N ARG C 134 23.69 -1.62 13.01
CA ARG C 134 24.77 -1.25 12.11
C ARG C 134 24.46 -1.76 10.71
N GLU C 135 25.22 -1.26 9.74
CA GLU C 135 25.13 -1.64 8.33
C GLU C 135 23.75 -1.38 7.72
N GLY C 136 22.86 -0.69 8.43
CA GLY C 136 21.61 -0.24 7.82
C GLY C 136 20.83 -1.35 7.15
N ASN C 137 20.79 -2.53 7.76
CA ASN C 137 20.06 -3.66 7.24
C ASN C 137 19.20 -4.26 8.34
N VAL C 138 17.94 -4.55 8.04
CA VAL C 138 17.02 -5.12 9.01
C VAL C 138 17.15 -6.63 8.95
N ARG C 139 17.49 -7.24 10.09
CA ARG C 139 17.76 -8.66 10.17
C ARG C 139 17.00 -9.26 11.35
N VAL C 140 16.69 -10.55 11.23
CA VAL C 140 15.93 -11.24 12.27
C VAL C 140 16.81 -11.37 13.51
N SER C 141 16.51 -10.58 14.54
CA SER C 141 17.26 -10.67 15.78
C SER C 141 17.06 -12.01 16.45
N ARG C 142 15.83 -12.50 16.48
CA ARG C 142 15.53 -13.78 17.09
C ARG C 142 14.30 -14.37 16.43
N GLU C 143 14.13 -15.69 16.62
CA GLU C 143 13.03 -16.45 16.04
C GLU C 143 12.39 -17.26 17.15
N LEU C 144 11.44 -16.67 17.84
CA LEU C 144 10.78 -17.35 18.95
C LEU C 144 9.95 -18.52 18.45
N ALA C 145 10.03 -19.64 19.17
CA ALA C 145 9.28 -20.84 18.83
C ALA C 145 8.87 -21.55 20.10
N GLY C 146 7.81 -22.33 20.00
CA GLY C 146 7.30 -23.06 21.14
C GLY C 146 5.79 -23.18 21.16
N HIS C 147 5.11 -22.31 20.41
CA HIS C 147 3.66 -22.44 20.28
C HIS C 147 3.31 -23.65 19.41
N THR C 148 2.02 -23.95 19.36
CA THR C 148 1.52 -25.09 18.59
C THR C 148 0.27 -24.69 17.81
N GLY C 149 0.25 -23.48 17.28
CA GLY C 149 -0.89 -23.02 16.52
C GLY C 149 -0.63 -21.65 15.94
N TYR C 150 -1.58 -21.17 15.16
CA TYR C 150 -1.47 -19.87 14.54
C TYR C 150 -1.22 -18.80 15.59
N LEU C 151 -0.20 -17.97 15.36
CA LEU C 151 0.11 -16.87 16.27
C LEU C 151 -0.87 -15.74 16.02
N SER C 152 -1.80 -15.54 16.95
CA SER C 152 -2.91 -14.63 16.71
C SER C 152 -2.49 -13.16 16.87
N CYS C 153 -1.99 -12.80 18.05
CA CYS C 153 -1.64 -11.43 18.34
C CYS C 153 -0.26 -11.38 18.98
N CYS C 154 0.31 -10.18 19.00
CA CYS C 154 1.70 -10.00 19.40
C CYS C 154 1.87 -8.57 19.91
N ARG C 155 2.40 -8.42 21.13
CA ARG C 155 2.59 -7.10 21.72
C ARG C 155 3.89 -7.07 22.49
N PHE C 156 4.50 -5.88 22.54
CA PHE C 156 5.77 -5.65 23.20
C PHE C 156 5.54 -5.02 24.56
N LEU C 157 6.20 -5.55 25.58
CA LEU C 157 6.29 -4.87 26.87
C LEU C 157 7.50 -3.94 26.86
N ASP C 158 7.42 -2.88 27.66
CA ASP C 158 8.44 -1.83 27.59
C ASP C 158 9.84 -2.39 27.80
N ASP C 159 9.98 -3.48 28.57
CA ASP C 159 11.27 -4.05 28.88
C ASP C 159 11.80 -4.98 27.78
N ASN C 160 11.29 -4.87 26.56
CA ASN C 160 11.70 -5.73 25.46
C ASN C 160 11.53 -7.20 25.83
N GLN C 161 10.37 -7.52 26.38
CA GLN C 161 9.90 -8.89 26.55
C GLN C 161 8.50 -8.96 25.97
N ILE C 162 8.29 -9.88 25.04
CA ILE C 162 7.12 -9.87 24.17
C ILE C 162 6.07 -10.82 24.70
N VAL C 163 4.80 -10.44 24.55
CA VAL C 163 3.66 -11.25 24.96
C VAL C 163 2.93 -11.69 23.70
N THR C 164 2.79 -13.00 23.52
CA THR C 164 2.16 -13.57 22.34
C THR C 164 0.94 -14.39 22.73
N SER C 165 -0.01 -14.48 21.81
CA SER C 165 -1.21 -15.28 22.00
C SER C 165 -1.41 -16.13 20.74
N SER C 166 -1.33 -17.44 20.90
CA SER C 166 -1.38 -18.37 19.79
C SER C 166 -2.74 -19.04 19.71
N GLY C 167 -2.93 -19.81 18.64
CA GLY C 167 -4.17 -20.53 18.42
C GLY C 167 -4.31 -21.80 19.20
N ASP C 168 -3.29 -22.19 19.97
CA ASP C 168 -3.37 -23.38 20.81
C ASP C 168 -4.05 -23.10 22.15
N THR C 169 -4.79 -22.00 22.26
CA THR C 169 -5.53 -21.66 23.46
C THR C 169 -4.61 -21.27 24.61
N THR C 170 -3.49 -20.62 24.32
CA THR C 170 -2.56 -20.18 25.35
C THR C 170 -1.92 -18.87 24.94
N CYS C 171 -1.46 -18.12 25.95
CA CYS C 171 -0.73 -16.88 25.76
C CYS C 171 0.53 -16.94 26.60
N ALA C 172 1.68 -16.65 25.98
CA ALA C 172 2.97 -16.81 26.63
C ALA C 172 3.70 -15.49 26.69
N LEU C 173 4.56 -15.35 27.70
CA LEU C 173 5.45 -14.22 27.85
C LEU C 173 6.88 -14.71 27.63
N TRP C 174 7.56 -14.14 26.65
CA TRP C 174 8.87 -14.61 26.24
C TRP C 174 9.97 -13.68 26.76
N ASP C 175 11.21 -14.07 26.49
CA ASP C 175 12.38 -13.26 26.80
C ASP C 175 13.22 -13.17 25.53
N ILE C 176 13.24 -11.98 24.92
CA ILE C 176 13.92 -11.82 23.65
C ILE C 176 15.41 -12.12 23.79
N GLU C 177 15.99 -11.73 24.93
CA GLU C 177 17.43 -11.90 25.10
C GLU C 177 17.82 -13.37 25.10
N THR C 178 17.04 -14.23 25.76
CA THR C 178 17.35 -15.65 25.82
C THR C 178 16.63 -16.42 24.72
N GLY C 179 15.31 -16.32 24.66
CA GLY C 179 14.53 -16.94 23.61
C GLY C 179 13.62 -18.08 24.02
N GLN C 180 13.23 -18.18 25.29
CA GLN C 180 12.34 -19.23 25.76
C GLN C 180 11.27 -18.63 26.66
N GLN C 181 10.12 -19.29 26.70
CA GLN C 181 8.99 -18.77 27.46
C GLN C 181 9.31 -18.68 28.94
N THR C 182 8.79 -17.64 29.59
CA THR C 182 8.90 -17.48 31.03
C THR C 182 7.56 -17.55 31.75
N THR C 183 6.45 -17.62 31.02
CA THR C 183 5.13 -17.70 31.63
C THR C 183 4.18 -18.25 30.58
N THR C 184 2.98 -18.65 31.02
CA THR C 184 2.01 -19.25 30.11
C THR C 184 0.61 -19.11 30.66
N PHE C 185 -0.25 -18.36 29.96
CA PHE C 185 -1.68 -18.44 30.19
C PHE C 185 -2.20 -19.86 30.05
N THR C 186 -3.19 -20.19 30.87
CA THR C 186 -3.97 -21.39 30.71
C THR C 186 -5.38 -21.10 31.21
N GLY C 187 -6.36 -21.73 30.56
CA GLY C 187 -7.74 -21.53 30.96
C GLY C 187 -8.68 -21.34 29.78
N HIS C 188 -8.19 -20.71 28.72
CA HIS C 188 -9.01 -20.53 27.53
C HIS C 188 -9.32 -21.88 26.91
N THR C 189 -10.54 -22.03 26.41
CA THR C 189 -11.03 -23.27 25.80
C THR C 189 -11.24 -23.11 24.31
N GLY C 190 -10.37 -22.34 23.66
CA GLY C 190 -10.46 -22.14 22.23
C GLY C 190 -9.34 -21.24 21.76
N ASP C 191 -9.28 -21.05 20.44
CA ASP C 191 -8.25 -20.21 19.87
C ASP C 191 -8.33 -18.81 20.47
N VAL C 192 -7.17 -18.25 20.80
CA VAL C 192 -7.09 -16.88 21.30
C VAL C 192 -6.84 -15.96 20.11
N MET C 193 -7.77 -15.06 19.86
CA MET C 193 -7.72 -14.21 18.67
C MET C 193 -7.29 -12.78 18.96
N SER C 194 -7.44 -12.31 20.20
CA SER C 194 -7.19 -10.91 20.53
C SER C 194 -6.36 -10.81 21.78
N LEU C 195 -5.63 -9.71 21.90
CA LEU C 195 -4.77 -9.46 23.05
C LEU C 195 -4.53 -7.96 23.15
N SER C 196 -4.54 -7.44 24.37
CA SER C 196 -4.35 -6.01 24.58
C SER C 196 -3.63 -5.80 25.90
N LEU C 197 -2.48 -5.13 25.85
CA LEU C 197 -1.72 -4.83 27.05
C LEU C 197 -2.41 -3.72 27.84
N ALA C 198 -1.78 -3.32 28.95
CA ALA C 198 -2.28 -2.23 29.76
C ALA C 198 -1.39 -1.00 29.58
N PRO C 199 -1.92 0.20 29.81
CA PRO C 199 -1.06 1.39 29.70
C PRO C 199 0.17 1.31 30.58
N ASP C 200 0.05 0.74 31.78
CA ASP C 200 1.18 0.52 32.66
C ASP C 200 1.83 -0.84 32.47
N THR C 201 1.30 -1.68 31.58
CA THR C 201 1.89 -2.97 31.23
C THR C 201 1.87 -3.95 32.41
N ARG C 202 1.06 -3.67 33.44
CA ARG C 202 0.96 -4.56 34.58
C ARG C 202 -0.07 -5.66 34.38
N LEU C 203 -0.98 -5.50 33.41
CA LEU C 203 -2.05 -6.45 33.16
C LEU C 203 -2.36 -6.46 31.68
N PHE C 204 -3.04 -7.52 31.24
CA PHE C 204 -3.52 -7.59 29.87
C PHE C 204 -4.69 -8.55 29.80
N VAL C 205 -5.45 -8.44 28.71
CA VAL C 205 -6.66 -9.22 28.50
C VAL C 205 -6.59 -9.90 27.15
N SER C 206 -7.12 -11.11 27.06
CA SER C 206 -7.11 -11.90 25.84
C SER C 206 -8.50 -12.42 25.55
N GLY C 207 -8.96 -12.27 24.31
CA GLY C 207 -10.24 -12.78 23.87
C GLY C 207 -10.03 -13.98 22.96
N ALA C 208 -10.79 -15.04 23.22
CA ALA C 208 -10.65 -16.31 22.52
C ALA C 208 -11.97 -16.68 21.84
N CYS C 209 -11.95 -17.81 21.14
CA CYS C 209 -13.14 -18.29 20.45
C CYS C 209 -14.03 -19.05 21.44
N ASP C 210 -14.31 -18.43 22.57
CA ASP C 210 -15.22 -19.00 23.57
C ASP C 210 -16.20 -17.97 24.10
N ALA C 211 -16.31 -16.80 23.47
CA ALA C 211 -17.16 -15.72 23.97
C ALA C 211 -16.77 -15.32 25.38
N SER C 212 -15.49 -15.47 25.72
CA SER C 212 -14.98 -15.12 27.04
C SER C 212 -13.69 -14.34 26.89
N ALA C 213 -13.52 -13.32 27.74
CA ALA C 213 -12.32 -12.49 27.76
C ALA C 213 -11.75 -12.51 29.17
N LYS C 214 -10.57 -13.08 29.31
CA LYS C 214 -9.93 -13.24 30.61
C LYS C 214 -8.89 -12.16 30.83
N LEU C 215 -8.54 -11.96 32.11
CA LEU C 215 -7.56 -10.97 32.52
C LEU C 215 -6.40 -11.67 33.19
N TRP C 216 -5.18 -11.27 32.84
CA TRP C 216 -3.98 -11.95 33.30
C TRP C 216 -3.04 -10.94 33.94
N ASP C 217 -2.17 -11.43 34.80
CA ASP C 217 -1.09 -10.64 35.39
C ASP C 217 0.24 -11.22 34.94
N VAL C 218 1.07 -10.37 34.32
CA VAL C 218 2.37 -10.82 33.81
C VAL C 218 3.41 -10.98 34.90
N ARG C 219 3.15 -10.47 36.10
CA ARG C 219 4.15 -10.53 37.17
C ARG C 219 4.23 -11.93 37.77
N GLU C 220 3.10 -12.45 38.27
CA GLU C 220 3.08 -13.76 38.90
C GLU C 220 2.28 -14.78 38.11
N GLY C 221 1.49 -14.36 37.13
CA GLY C 221 0.78 -15.29 36.27
C GLY C 221 -0.44 -15.93 36.91
N MET C 222 -1.46 -15.13 37.20
CA MET C 222 -2.72 -15.64 37.72
C MET C 222 -3.87 -14.97 36.97
N CYS C 223 -4.92 -15.74 36.71
CA CYS C 223 -6.09 -15.22 36.00
C CYS C 223 -6.97 -14.47 36.99
N ARG C 224 -6.96 -13.14 36.89
CA ARG C 224 -7.68 -12.32 37.87
C ARG C 224 -9.19 -12.44 37.70
N GLN C 225 -9.71 -12.01 36.56
CA GLN C 225 -11.15 -12.03 36.29
C GLN C 225 -11.43 -12.89 35.05
N THR C 226 -12.72 -12.96 34.70
CA THR C 226 -13.17 -13.65 33.49
C THR C 226 -14.54 -13.11 33.15
N PHE C 227 -14.65 -12.46 31.99
CA PHE C 227 -15.87 -11.79 31.57
C PHE C 227 -16.54 -12.57 30.45
N THR C 228 -17.85 -12.74 30.54
CA THR C 228 -18.65 -13.40 29.53
C THR C 228 -19.81 -12.49 29.14
N GLY C 229 -20.59 -12.92 28.15
CA GLY C 229 -21.72 -12.14 27.69
C GLY C 229 -21.88 -12.18 26.19
N HIS C 230 -20.78 -12.44 25.48
CA HIS C 230 -20.83 -12.52 24.04
C HIS C 230 -21.44 -13.84 23.58
N GLU C 231 -21.88 -13.87 22.32
CA GLU C 231 -22.50 -15.04 21.74
C GLU C 231 -21.64 -15.75 20.72
N SER C 232 -20.48 -15.21 20.38
CA SER C 232 -19.60 -15.82 19.39
C SER C 232 -18.17 -15.45 19.72
N ASP C 233 -17.26 -15.65 18.77
CA ASP C 233 -15.85 -15.40 19.00
C ASP C 233 -15.59 -13.91 19.21
N ILE C 234 -14.49 -13.61 19.87
CA ILE C 234 -14.02 -12.25 20.12
C ILE C 234 -12.84 -12.00 19.21
N ASN C 235 -12.94 -10.99 18.34
CA ASN C 235 -11.94 -10.73 17.32
C ASN C 235 -11.08 -9.51 17.60
N ALA C 236 -11.33 -8.79 18.70
CA ALA C 236 -10.54 -7.60 18.99
C ALA C 236 -10.83 -7.14 20.41
N ILE C 237 -9.82 -6.55 21.05
CA ILE C 237 -9.96 -5.99 22.38
C ILE C 237 -9.05 -4.79 22.50
N CYS C 238 -9.45 -3.84 23.35
CA CYS C 238 -8.63 -2.66 23.63
C CYS C 238 -9.03 -2.10 24.99
N PHE C 239 -8.06 -1.51 25.67
CA PHE C 239 -8.30 -0.95 27.00
C PHE C 239 -8.77 0.49 26.92
N PHE C 240 -9.54 0.89 27.93
CA PHE C 240 -9.82 2.30 28.16
C PHE C 240 -8.53 3.01 28.53
N PRO C 241 -8.37 4.28 28.16
CA PRO C 241 -7.08 4.96 28.40
C PRO C 241 -6.59 4.87 29.84
N ASN C 242 -7.49 4.90 30.83
CA ASN C 242 -7.06 4.81 32.21
C ASN C 242 -6.75 3.37 32.64
N GLY C 243 -7.14 2.38 31.85
CA GLY C 243 -6.79 1.00 32.13
C GLY C 243 -7.70 0.28 33.10
N ASN C 244 -8.84 0.86 33.45
CA ASN C 244 -9.79 0.22 34.35
C ASN C 244 -10.98 -0.40 33.62
N ALA C 245 -11.02 -0.30 32.30
CA ALA C 245 -12.12 -0.85 31.52
C ALA C 245 -11.63 -1.16 30.11
N PHE C 246 -12.37 -2.02 29.42
CA PHE C 246 -11.98 -2.40 28.07
C PHE C 246 -13.22 -2.76 27.26
N ALA C 247 -13.06 -2.72 25.93
CA ALA C 247 -14.14 -3.02 25.00
C ALA C 247 -13.69 -4.13 24.07
N THR C 248 -14.62 -5.02 23.73
CA THR C 248 -14.34 -6.18 22.90
C THR C 248 -15.29 -6.21 21.72
N GLY C 249 -14.81 -6.74 20.59
CA GLY C 249 -15.61 -6.88 19.38
C GLY C 249 -15.86 -8.34 19.08
N SER C 250 -17.11 -8.66 18.79
CA SER C 250 -17.55 -10.02 18.55
C SER C 250 -17.90 -10.21 17.08
N ASP C 251 -18.31 -11.42 16.74
CA ASP C 251 -18.79 -11.75 15.40
C ASP C 251 -20.29 -11.57 15.24
N ASP C 252 -20.98 -11.11 16.29
CA ASP C 252 -22.41 -10.84 16.25
C ASP C 252 -22.72 -9.35 16.23
N ALA C 253 -21.71 -8.52 15.90
CA ALA C 253 -21.89 -7.08 15.76
C ALA C 253 -22.37 -6.44 17.06
N THR C 254 -21.70 -6.80 18.15
CA THR C 254 -22.05 -6.27 19.48
C THR C 254 -20.76 -5.96 20.23
N CYS C 255 -20.28 -4.73 20.11
CA CYS C 255 -19.21 -4.27 20.97
C CYS C 255 -19.72 -4.11 22.39
N ARG C 256 -18.99 -4.68 23.34
CA ARG C 256 -19.37 -4.61 24.75
C ARG C 256 -18.24 -3.99 25.54
N LEU C 257 -18.60 -3.11 26.47
CA LEU C 257 -17.64 -2.44 27.33
C LEU C 257 -17.74 -3.02 28.74
N PHE C 258 -16.65 -3.60 29.22
CA PHE C 258 -16.59 -4.19 30.55
C PHE C 258 -15.77 -3.30 31.47
N ASP C 259 -15.88 -3.56 32.77
CA ASP C 259 -15.13 -2.85 33.79
C ASP C 259 -14.36 -3.85 34.64
N LEU C 260 -13.11 -3.52 34.93
CA LEU C 260 -12.25 -4.43 35.69
C LEU C 260 -12.70 -4.52 37.14
N ARG C 261 -12.97 -3.38 37.77
CA ARG C 261 -13.30 -3.36 39.19
C ARG C 261 -14.70 -3.90 39.47
N ALA C 262 -15.64 -3.74 38.55
CA ALA C 262 -16.99 -4.21 38.76
C ALA C 262 -17.19 -5.67 38.35
N ASP C 263 -16.26 -6.24 37.58
CA ASP C 263 -16.35 -7.64 37.18
C ASP C 263 -17.71 -7.95 36.54
N GLN C 264 -18.17 -7.05 35.68
CA GLN C 264 -19.47 -7.21 35.06
C GLN C 264 -19.55 -6.34 33.82
N GLU C 265 -20.31 -6.82 32.83
CA GLU C 265 -20.54 -6.03 31.62
C GLU C 265 -21.19 -4.72 31.97
N LEU C 266 -20.75 -3.64 31.31
CA LEU C 266 -21.16 -2.29 31.66
C LEU C 266 -22.03 -1.64 30.60
N MET C 267 -21.72 -1.82 29.32
CA MET C 267 -22.49 -1.20 28.26
C MET C 267 -22.26 -1.98 26.97
N THR C 268 -23.21 -1.86 26.05
CA THR C 268 -23.16 -2.55 24.76
C THR C 268 -23.42 -1.57 23.64
N TYR C 269 -22.78 -1.81 22.50
CA TYR C 269 -22.92 -0.98 21.30
C TYR C 269 -23.33 -1.90 20.16
N SER C 270 -24.63 -1.94 19.86
CA SER C 270 -25.17 -2.80 18.83
C SER C 270 -25.97 -1.97 17.84
N HIS C 271 -25.99 -2.42 16.59
CA HIS C 271 -26.74 -1.76 15.52
C HIS C 271 -27.26 -2.85 14.59
N ASP C 272 -28.56 -3.10 14.63
CA ASP C 272 -29.14 -4.18 13.83
C ASP C 272 -28.91 -3.95 12.33
N ASN C 273 -28.66 -2.71 11.91
CA ASN C 273 -28.35 -2.47 10.51
C ASN C 273 -27.13 -3.23 10.04
N ILE C 274 -26.25 -3.62 10.97
CA ILE C 274 -25.09 -4.44 10.66
C ILE C 274 -25.33 -5.83 11.23
N ILE C 275 -25.24 -6.84 10.37
CA ILE C 275 -25.35 -8.24 10.79
C ILE C 275 -24.01 -8.96 10.77
N CYS C 276 -22.98 -8.35 10.18
CA CYS C 276 -21.66 -8.96 10.10
C CYS C 276 -20.84 -8.63 11.35
N GLY C 277 -19.76 -9.39 11.53
CA GLY C 277 -18.97 -9.28 12.73
C GLY C 277 -18.10 -8.03 12.78
N ILE C 278 -17.32 -7.94 13.84
CA ILE C 278 -16.43 -6.81 14.10
C ILE C 278 -15.00 -7.31 14.08
N THR C 279 -14.10 -6.52 13.47
CA THR C 279 -12.73 -6.94 13.27
C THR C 279 -11.70 -6.04 13.93
N SER C 280 -12.12 -5.01 14.65
CA SER C 280 -11.16 -4.14 15.34
C SER C 280 -11.90 -3.20 16.26
N VAL C 281 -11.28 -2.90 17.39
CA VAL C 281 -11.83 -1.96 18.37
C VAL C 281 -10.68 -1.10 18.89
N SER C 282 -10.91 0.20 18.99
CA SER C 282 -9.90 1.10 19.52
C SER C 282 -10.57 2.32 20.13
N PHE C 283 -9.99 2.81 21.23
CA PHE C 283 -10.48 3.98 21.91
C PHE C 283 -9.69 5.22 21.50
N SER C 284 -10.28 6.38 21.75
CA SER C 284 -9.60 7.64 21.52
C SER C 284 -8.74 7.98 22.73
N LYS C 285 -7.97 9.06 22.62
CA LYS C 285 -7.09 9.43 23.72
C LYS C 285 -7.87 9.73 24.99
N SER C 286 -8.99 10.44 24.87
CA SER C 286 -9.82 10.74 26.02
C SER C 286 -10.78 9.60 26.36
N GLY C 287 -10.92 8.60 25.49
CA GLY C 287 -11.78 7.48 25.76
C GLY C 287 -13.25 7.71 25.47
N ARG C 288 -13.62 8.89 24.97
CA ARG C 288 -15.02 9.14 24.67
C ARG C 288 -15.45 8.47 23.37
N LEU C 289 -14.56 8.36 22.40
CA LEU C 289 -14.85 7.72 21.13
C LEU C 289 -14.42 6.26 21.17
N LEU C 290 -15.20 5.39 20.53
CA LEU C 290 -14.89 3.96 20.44
C LEU C 290 -15.01 3.56 18.97
N LEU C 291 -13.93 3.72 18.23
CA LEU C 291 -13.93 3.30 16.84
C LEU C 291 -14.07 1.78 16.75
N ALA C 292 -14.73 1.32 15.69
CA ALA C 292 -14.92 -0.09 15.47
C ALA C 292 -14.87 -0.37 13.97
N GLY C 293 -14.16 -1.43 13.60
CA GLY C 293 -14.05 -1.80 12.21
C GLY C 293 -14.91 -3.02 11.87
N TYR C 294 -16.04 -2.78 11.22
CA TYR C 294 -16.95 -3.84 10.85
C TYR C 294 -16.56 -4.44 9.51
N ASP C 295 -17.21 -5.55 9.16
CA ASP C 295 -17.00 -6.21 7.88
C ASP C 295 -17.83 -5.60 6.76
N ASP C 296 -18.65 -4.59 7.05
CA ASP C 296 -19.46 -3.91 6.05
C ASP C 296 -18.66 -2.85 5.28
N PHE C 297 -17.33 -2.92 5.33
CA PHE C 297 -16.38 -2.14 4.53
C PHE C 297 -16.19 -0.73 5.06
N ASN C 298 -16.88 -0.32 6.13
CA ASN C 298 -16.69 1.00 6.70
C ASN C 298 -16.66 0.91 8.22
N CYS C 299 -15.88 1.80 8.83
CA CYS C 299 -15.83 1.87 10.28
C CYS C 299 -17.08 2.56 10.82
N ASN C 300 -17.21 2.55 12.13
CA ASN C 300 -18.38 3.13 12.80
C ASN C 300 -17.90 3.80 14.08
N VAL C 301 -17.70 5.11 14.02
CA VAL C 301 -17.19 5.85 15.18
C VAL C 301 -18.30 5.97 16.21
N TRP C 302 -18.29 5.10 17.20
CA TRP C 302 -19.34 5.08 18.21
C TRP C 302 -19.12 6.17 19.24
N ASP C 303 -19.98 6.18 20.26
CA ASP C 303 -19.81 7.02 21.43
C ASP C 303 -19.65 6.12 22.65
N ALA C 304 -18.57 6.29 23.39
CA ALA C 304 -18.25 5.38 24.47
C ALA C 304 -19.23 5.47 25.64
N LEU C 305 -20.07 6.51 25.68
CA LEU C 305 -20.96 6.73 26.82
C LEU C 305 -22.44 6.78 26.45
N LYS C 306 -22.78 6.77 25.16
CA LYS C 306 -24.17 6.89 24.74
C LYS C 306 -24.64 5.79 23.80
N ALA C 307 -23.74 4.98 23.24
CA ALA C 307 -24.12 3.91 22.33
C ALA C 307 -24.90 4.45 21.13
N ASP C 308 -24.52 5.63 20.66
CA ASP C 308 -25.13 6.24 19.49
C ASP C 308 -24.04 6.60 18.50
N ARG C 309 -24.25 6.26 17.23
CA ARG C 309 -23.25 6.53 16.21
C ARG C 309 -22.96 8.03 16.14
N ALA C 310 -21.68 8.35 15.95
CA ALA C 310 -21.24 9.73 15.80
C ALA C 310 -20.55 9.99 14.47
N GLY C 311 -20.68 9.08 13.52
CA GLY C 311 -20.05 9.23 12.23
C GLY C 311 -19.65 7.89 11.66
N VAL C 312 -19.00 7.95 10.50
CA VAL C 312 -18.52 6.75 9.82
C VAL C 312 -17.31 7.12 8.98
N LEU C 313 -16.30 6.26 8.99
CA LEU C 313 -15.12 6.45 8.17
C LEU C 313 -15.23 5.67 6.86
N ALA C 314 -16.31 5.95 6.13
CA ALA C 314 -16.49 5.32 4.84
C ALA C 314 -15.40 5.74 3.87
N GLY C 315 -15.03 4.84 2.97
CA GLY C 315 -13.95 5.11 2.04
C GLY C 315 -13.03 3.93 1.81
N HIS C 316 -13.37 2.77 2.37
CA HIS C 316 -12.61 1.55 2.15
C HIS C 316 -13.40 0.62 1.23
N ASP C 317 -12.70 0.04 0.25
CA ASP C 317 -13.33 -0.83 -0.74
C ASP C 317 -13.54 -2.24 -0.21
N ASN C 318 -12.90 -2.62 0.89
CA ASN C 318 -13.06 -3.95 1.46
C ASN C 318 -13.19 -3.80 2.97
N ARG C 319 -13.23 -4.93 3.67
CA ARG C 319 -13.41 -4.91 5.11
C ARG C 319 -12.21 -4.27 5.80
N VAL C 320 -12.48 -3.65 6.95
CA VAL C 320 -11.44 -3.01 7.75
C VAL C 320 -10.89 -4.06 8.71
N SER C 321 -9.67 -4.53 8.44
CA SER C 321 -9.08 -5.62 9.21
C SER C 321 -8.23 -5.12 10.37
N CYS C 322 -7.68 -3.91 10.28
CA CYS C 322 -6.86 -3.34 11.34
C CYS C 322 -7.29 -1.90 11.58
N LEU C 323 -7.07 -1.44 12.80
CA LEU C 323 -7.51 -0.10 13.19
C LEU C 323 -6.74 0.31 14.44
N GLY C 324 -6.05 1.43 14.38
CA GLY C 324 -5.25 1.90 15.50
C GLY C 324 -5.29 3.40 15.61
N VAL C 325 -5.14 3.89 16.83
CA VAL C 325 -5.18 5.31 17.14
C VAL C 325 -3.87 5.69 17.82
N THR C 326 -3.25 6.77 17.36
CA THR C 326 -1.94 7.16 17.87
C THR C 326 -2.00 7.42 19.37
N ASP C 327 -0.82 7.46 19.99
CA ASP C 327 -0.75 7.71 21.43
C ASP C 327 -1.29 9.10 21.76
N ASP C 328 -0.95 10.10 20.95
CA ASP C 328 -1.41 11.47 21.19
C ASP C 328 -2.81 11.73 20.65
N GLY C 329 -3.43 10.75 19.99
CA GLY C 329 -4.78 10.93 19.51
C GLY C 329 -4.92 11.82 18.31
N MET C 330 -3.82 12.18 17.65
CA MET C 330 -3.87 13.12 16.54
C MET C 330 -4.37 12.50 15.24
N ALA C 331 -4.43 11.18 15.14
CA ALA C 331 -4.80 10.55 13.88
C ALA C 331 -5.31 9.15 14.14
N VAL C 332 -5.94 8.58 13.10
CA VAL C 332 -6.44 7.22 13.11
C VAL C 332 -6.02 6.57 11.80
N ALA C 333 -5.55 5.33 11.87
CA ALA C 333 -5.14 4.58 10.69
C ALA C 333 -5.94 3.28 10.60
N THR C 334 -6.35 2.93 9.40
CA THR C 334 -7.08 1.70 9.15
C THR C 334 -6.52 1.03 7.92
N GLY C 335 -6.47 -0.30 7.93
CA GLY C 335 -5.99 -1.05 6.79
C GLY C 335 -6.96 -2.13 6.38
N SER C 336 -7.49 -2.02 5.17
CA SER C 336 -8.49 -2.96 4.67
C SER C 336 -7.82 -3.98 3.75
N TRP C 337 -8.60 -4.97 3.34
CA TRP C 337 -8.09 -6.01 2.46
C TRP C 337 -7.82 -5.52 1.05
N ASP C 338 -8.20 -4.29 0.73
CA ASP C 338 -7.89 -3.70 -0.57
C ASP C 338 -6.43 -3.28 -0.69
N SER C 339 -5.60 -3.57 0.31
CA SER C 339 -4.17 -3.27 0.26
C SER C 339 -3.90 -1.77 0.37
N PHE C 340 -4.70 -1.07 1.17
CA PHE C 340 -4.56 0.36 1.33
C PHE C 340 -4.68 0.74 2.80
N LEU C 341 -3.74 1.55 3.27
CA LEU C 341 -3.81 2.17 4.59
C LEU C 341 -4.20 3.63 4.43
N LYS C 342 -5.10 4.09 5.30
CA LYS C 342 -5.59 5.46 5.26
C LYS C 342 -5.50 6.07 6.64
N ILE C 343 -4.87 7.24 6.74
CA ILE C 343 -4.74 7.96 8.00
C ILE C 343 -5.84 9.01 8.06
N TRP C 344 -6.82 8.78 8.93
CA TRP C 344 -7.93 9.69 9.11
C TRP C 344 -7.63 10.68 10.22
N ASN C 345 -8.50 11.68 10.35
CA ASN C 345 -8.36 12.68 11.39
C ASN C 345 -9.53 13.66 11.32
N ILE D 9 -8.97 -36.93 36.58
CA ILE D 9 -9.84 -35.78 36.79
C ILE D 9 -8.99 -34.55 37.08
N ALA D 10 -7.82 -34.46 36.44
CA ALA D 10 -6.94 -33.32 36.65
C ALA D 10 -7.61 -32.03 36.18
N GLN D 11 -8.27 -32.06 35.03
CA GLN D 11 -8.91 -30.86 34.52
C GLN D 11 -9.99 -30.35 35.47
N ALA D 12 -10.81 -31.25 36.02
CA ALA D 12 -11.84 -30.84 36.96
C ALA D 12 -11.24 -30.22 38.21
N ARG D 13 -10.18 -30.83 38.74
CA ARG D 13 -9.56 -30.32 39.96
C ARG D 13 -9.03 -28.90 39.75
N LYS D 14 -8.34 -28.67 38.63
CA LYS D 14 -7.85 -27.32 38.34
C LYS D 14 -9.00 -26.35 38.11
N LEU D 15 -10.04 -26.80 37.42
CA LEU D 15 -11.17 -25.92 37.14
C LEU D 15 -11.84 -25.46 38.42
N VAL D 16 -12.02 -26.37 39.39
CA VAL D 16 -12.65 -25.99 40.65
C VAL D 16 -11.85 -24.89 41.34
N GLU D 17 -10.53 -25.06 41.39
CA GLU D 17 -9.68 -24.03 41.99
C GLU D 17 -9.76 -22.72 41.21
N GLN D 18 -9.86 -22.81 39.88
CA GLN D 18 -9.90 -21.60 39.07
C GLN D 18 -11.06 -20.70 39.45
N LEU D 19 -12.28 -21.26 39.52
CA LEU D 19 -13.43 -20.47 39.91
C LEU D 19 -13.33 -20.00 41.36
N LYS D 20 -12.60 -20.72 42.21
CA LYS D 20 -12.45 -20.29 43.60
C LYS D 20 -11.77 -18.94 43.69
N MET D 21 -10.71 -18.73 42.89
CA MET D 21 -10.00 -17.46 42.89
C MET D 21 -10.69 -16.40 42.03
N GLU D 22 -11.66 -16.79 41.20
CA GLU D 22 -12.38 -15.85 40.36
C GLU D 22 -13.64 -15.31 41.02
N ALA D 23 -13.94 -15.73 42.25
CA ALA D 23 -15.12 -15.27 42.96
C ALA D 23 -14.80 -14.37 44.15
N ASN D 24 -13.58 -14.41 44.67
CA ASN D 24 -13.20 -13.61 45.82
C ASN D 24 -12.52 -12.32 45.35
N ILE D 25 -13.35 -11.42 44.82
CA ILE D 25 -12.92 -10.12 44.33
C ILE D 25 -13.79 -9.05 44.99
N ASP D 26 -13.16 -7.98 45.47
CA ASP D 26 -13.86 -6.89 46.13
C ASP D 26 -14.54 -6.04 45.05
N ARG D 27 -15.70 -6.53 44.60
CA ARG D 27 -16.46 -5.83 43.57
C ARG D 27 -17.01 -4.51 44.11
N ILE D 28 -17.10 -3.52 43.23
CA ILE D 28 -17.60 -2.20 43.58
C ILE D 28 -18.92 -1.98 42.85
N LYS D 29 -19.73 -1.08 43.40
CA LYS D 29 -21.01 -0.75 42.79
C LYS D 29 -20.80 -0.17 41.40
N VAL D 30 -21.68 -0.54 40.48
CA VAL D 30 -21.56 -0.07 39.10
C VAL D 30 -21.69 1.45 39.05
N SER D 31 -22.47 2.04 39.96
CA SER D 31 -22.66 3.48 39.94
C SER D 31 -21.33 4.21 40.13
N LYS D 32 -20.52 3.74 41.07
CA LYS D 32 -19.20 4.36 41.27
C LYS D 32 -18.32 4.19 40.04
N ALA D 33 -18.35 3.00 39.44
CA ALA D 33 -17.52 2.75 38.26
C ALA D 33 -17.91 3.67 37.10
N ALA D 34 -19.22 3.81 36.86
CA ALA D 34 -19.68 4.67 35.78
C ALA D 34 -19.28 6.12 36.03
N ALA D 35 -19.41 6.58 37.28
CA ALA D 35 -19.02 7.95 37.59
C ALA D 35 -17.53 8.16 37.34
N ASP D 36 -16.70 7.21 37.78
CA ASP D 36 -15.27 7.33 37.52
C ASP D 36 -14.98 7.26 36.02
N LEU D 37 -15.64 6.35 35.31
CA LEU D 37 -15.45 6.28 33.86
C LEU D 37 -15.90 7.56 33.18
N MET D 38 -17.05 8.11 33.60
CA MET D 38 -17.51 9.37 33.03
C MET D 38 -16.62 10.53 33.46
N ALA D 39 -16.09 10.48 34.69
CA ALA D 39 -15.24 11.56 35.17
C ALA D 39 -13.97 11.68 34.33
N TYR D 40 -13.37 10.54 33.97
CA TYR D 40 -12.13 10.57 33.22
C TYR D 40 -12.32 11.21 31.85
N CYS D 41 -13.45 10.92 31.19
CA CYS D 41 -13.68 11.43 29.84
C CYS D 41 -13.71 12.95 29.83
N GLU D 42 -14.38 13.56 30.80
CA GLU D 42 -14.49 15.02 30.82
C GLU D 42 -13.16 15.68 31.15
N ALA D 43 -12.36 15.06 32.02
CA ALA D 43 -11.09 15.66 32.41
C ALA D 43 -10.16 15.81 31.22
N HIS D 44 -10.11 14.80 30.35
CA HIS D 44 -9.21 14.80 29.21
C HIS D 44 -9.91 15.21 27.91
N ALA D 45 -11.14 15.73 28.00
CA ALA D 45 -11.88 16.07 26.79
C ALA D 45 -11.15 17.13 25.98
N LYS D 46 -10.59 18.14 26.64
CA LYS D 46 -9.92 19.23 25.94
C LYS D 46 -8.61 18.80 25.29
N GLU D 47 -8.09 17.61 25.63
CA GLU D 47 -6.82 17.14 25.10
C GLU D 47 -7.01 16.12 23.97
N ASP D 48 -8.22 15.94 23.48
CA ASP D 48 -8.50 14.96 22.43
C ASP D 48 -8.70 15.67 21.11
N PRO D 49 -7.80 15.52 20.13
CA PRO D 49 -8.00 16.15 18.82
C PRO D 49 -9.03 15.46 17.93
N LEU D 50 -9.80 14.51 18.46
CA LEU D 50 -10.90 13.91 17.71
C LEU D 50 -12.27 14.34 18.20
N LEU D 51 -12.42 14.60 19.50
CA LEU D 51 -13.70 15.12 20.00
C LEU D 51 -13.99 16.48 19.39
N THR D 52 -12.97 17.35 19.31
CA THR D 52 -13.11 18.67 18.72
C THR D 52 -12.07 18.83 17.62
N PRO D 53 -12.46 19.41 16.47
CA PRO D 53 -11.45 19.63 15.42
C PRO D 53 -10.34 20.54 15.90
N VAL D 54 -9.13 20.28 15.41
CA VAL D 54 -7.95 21.06 15.78
C VAL D 54 -7.64 22.01 14.62
N PRO D 55 -7.28 23.27 14.89
CA PRO D 55 -6.93 24.17 13.78
C PRO D 55 -5.71 23.67 13.03
N ALA D 56 -5.65 24.01 11.75
CA ALA D 56 -4.61 23.51 10.87
C ALA D 56 -3.23 24.02 11.24
N SER D 57 -3.13 25.03 12.12
CA SER D 57 -1.82 25.60 12.44
C SER D 57 -0.89 24.57 13.04
N GLU D 58 -1.41 23.71 13.93
CA GLU D 58 -0.61 22.67 14.58
C GLU D 58 -1.18 21.28 14.31
N ASN D 59 -1.65 21.07 13.08
CA ASN D 59 -2.09 19.75 12.65
C ASN D 59 -1.03 19.15 11.74
N PRO D 60 -0.27 18.14 12.18
CA PRO D 60 0.81 17.63 11.33
C PRO D 60 0.33 17.09 10.00
N PHE D 61 -0.86 16.51 9.94
CA PHE D 61 -1.38 15.93 8.71
C PHE D 61 -2.10 16.98 7.87
N VAL E 2 32.97 -4.05 10.28
CA VAL E 2 32.66 -3.06 9.24
C VAL E 2 33.84 -2.13 9.04
N GLN E 3 34.43 -2.18 7.84
CA GLN E 3 35.54 -1.33 7.48
C GLN E 3 35.26 -0.66 6.13
N LEU E 4 35.79 0.55 5.98
CA LEU E 4 35.69 1.32 4.74
C LEU E 4 37.10 1.80 4.42
N VAL E 5 37.84 0.99 3.67
CA VAL E 5 39.25 1.22 3.38
C VAL E 5 39.38 1.62 1.92
N GLU E 6 40.15 2.68 1.66
CA GLU E 6 40.39 3.17 0.32
C GLU E 6 41.87 3.17 0.01
N SER E 7 42.21 2.97 -1.26
CA SER E 7 43.57 2.84 -1.72
C SER E 7 43.82 3.79 -2.89
N GLY E 8 45.09 4.11 -3.09
CA GLY E 8 45.49 5.03 -4.15
C GLY E 8 46.49 6.05 -3.66
N GLY E 9 46.37 7.29 -4.13
CA GLY E 9 47.22 8.35 -3.64
C GLY E 9 48.63 8.27 -4.20
N GLY E 10 49.50 9.07 -3.58
CA GLY E 10 50.88 9.19 -4.00
C GLY E 10 51.09 10.42 -4.89
N LEU E 11 52.36 10.71 -5.14
CA LEU E 11 52.72 11.86 -5.94
C LEU E 11 52.18 11.71 -7.37
N VAL E 12 51.62 12.80 -7.90
CA VAL E 12 51.07 12.82 -9.24
C VAL E 12 51.49 14.10 -9.93
N GLN E 13 51.79 14.01 -11.21
CA GLN E 13 52.19 15.18 -11.98
C GLN E 13 51.00 16.13 -12.08
N PRO E 14 51.16 17.41 -11.71
CA PRO E 14 50.04 18.34 -11.86
C PRO E 14 49.56 18.43 -13.30
N GLY E 15 48.25 18.57 -13.46
CA GLY E 15 47.64 18.60 -14.77
C GLY E 15 47.28 17.25 -15.34
N GLY E 16 47.60 16.17 -14.63
CA GLY E 16 47.29 14.82 -15.08
C GLY E 16 45.96 14.34 -14.55
N SER E 17 45.83 13.02 -14.47
CA SER E 17 44.62 12.38 -13.98
C SER E 17 44.99 11.27 -13.01
N ARG E 18 44.06 10.93 -12.13
CA ARG E 18 44.27 9.89 -11.14
C ARG E 18 42.94 9.23 -10.81
N LYS E 19 43.00 8.01 -10.29
CA LYS E 19 41.84 7.24 -9.93
C LYS E 19 41.94 6.83 -8.46
N LEU E 20 40.91 7.16 -7.70
CA LEU E 20 40.82 6.80 -6.28
C LEU E 20 39.65 5.84 -6.09
N SER E 21 39.92 4.70 -5.46
CA SER E 21 38.94 3.65 -5.26
C SER E 21 38.84 3.32 -3.78
N CYS E 22 37.62 3.06 -3.31
CA CYS E 22 37.37 2.66 -1.94
C CYS E 22 36.62 1.34 -1.92
N SER E 23 37.09 0.40 -1.12
CA SER E 23 36.47 -0.91 -0.99
C SER E 23 35.70 -0.96 0.32
N ALA E 24 34.41 -1.32 0.23
CA ALA E 24 33.52 -1.36 1.38
C ALA E 24 33.17 -2.80 1.69
N SER E 25 33.37 -3.19 2.95
CA SER E 25 33.06 -4.54 3.40
C SER E 25 32.41 -4.47 4.77
N GLY E 26 31.61 -5.49 5.08
CA GLY E 26 30.97 -5.59 6.38
C GLY E 26 29.62 -4.91 6.49
N PHE E 27 29.16 -4.21 5.46
CA PHE E 27 27.86 -3.57 5.51
C PHE E 27 27.26 -3.54 4.10
N ALA E 28 25.94 -3.34 4.04
CA ALA E 28 25.24 -3.34 2.77
C ALA E 28 25.55 -2.07 2.00
N PHE E 29 26.54 -2.15 1.10
CA PHE E 29 27.00 -0.96 0.39
C PHE E 29 25.90 -0.40 -0.51
N SER E 30 25.15 -1.27 -1.17
CA SER E 30 24.21 -0.81 -2.20
C SER E 30 23.12 0.08 -1.63
N SER E 31 22.83 0.00 -0.33
CA SER E 31 21.73 0.73 0.28
C SER E 31 22.18 2.03 0.94
N PHE E 32 23.45 2.40 0.81
CA PHE E 32 24.01 3.58 1.46
C PHE E 32 24.38 4.63 0.43
N GLY E 33 24.16 5.89 0.78
CA GLY E 33 24.81 6.96 0.05
C GLY E 33 26.29 7.02 0.37
N MET E 34 27.04 7.74 -0.46
CA MET E 34 28.48 7.82 -0.28
C MET E 34 28.95 9.24 -0.55
N HIS E 35 29.83 9.73 0.32
CA HIS E 35 30.38 11.07 0.20
C HIS E 35 31.90 10.99 0.09
N TRP E 36 32.47 11.99 -0.55
CA TRP E 36 33.92 12.19 -0.61
C TRP E 36 34.24 13.48 0.10
N VAL E 37 35.20 13.45 1.02
CA VAL E 37 35.60 14.62 1.78
C VAL E 37 37.13 14.68 1.78
N ARG E 38 37.68 15.79 1.31
CA ARG E 38 39.13 15.98 1.36
C ARG E 38 39.49 16.76 2.60
N GLN E 39 40.80 16.79 2.89
CA GLN E 39 41.32 17.58 4.00
C GLN E 39 42.71 18.07 3.61
N ALA E 40 42.82 19.38 3.40
CA ALA E 40 44.12 19.95 3.08
C ALA E 40 45.06 19.77 4.27
N PRO E 41 46.37 19.77 4.02
CA PRO E 41 47.31 19.42 5.10
C PRO E 41 47.15 20.25 6.36
N GLU E 42 46.86 21.55 6.24
CA GLU E 42 46.77 22.40 7.42
C GLU E 42 45.63 23.41 7.34
N LYS E 43 44.53 23.08 6.66
CA LYS E 43 43.40 23.98 6.57
C LYS E 43 42.14 23.42 7.25
N GLY E 44 41.69 22.24 6.86
CA GLY E 44 40.49 21.68 7.43
C GLY E 44 39.73 20.85 6.40
N LEU E 45 38.59 20.34 6.83
CA LEU E 45 37.77 19.48 5.98
C LEU E 45 37.08 20.29 4.90
N GLU E 46 36.81 19.63 3.78
CA GLU E 46 36.15 20.26 2.65
C GLU E 46 35.38 19.21 1.86
N TRP E 47 34.12 19.49 1.58
CA TRP E 47 33.29 18.56 0.83
C TRP E 47 33.77 18.45 -0.61
N VAL E 48 33.58 17.26 -1.19
CA VAL E 48 34.09 16.99 -2.53
C VAL E 48 32.96 16.60 -3.48
N ALA E 49 32.29 15.49 -3.18
CA ALA E 49 31.28 14.95 -4.09
C ALA E 49 30.36 14.00 -3.34
N TYR E 50 29.23 13.70 -3.96
CA TYR E 50 28.23 12.82 -3.36
C TYR E 50 27.49 12.06 -4.45
N ILE E 51 27.31 10.76 -4.24
CA ILE E 51 26.52 9.92 -5.13
C ILE E 51 25.51 9.18 -4.29
N SER E 52 24.23 9.28 -4.66
CA SER E 52 23.17 8.76 -3.83
C SER E 52 23.12 7.24 -3.90
N SER E 53 22.12 6.67 -3.24
CA SER E 53 21.91 5.22 -3.28
C SER E 53 21.30 4.84 -4.62
N GLY E 54 21.97 3.93 -5.33
CA GLY E 54 21.53 3.57 -6.66
C GLY E 54 21.87 4.60 -7.72
N SER E 55 22.81 5.49 -7.44
CA SER E 55 23.24 6.51 -8.41
C SER E 55 22.07 7.37 -8.85
N GLY E 56 21.15 7.64 -7.95
CA GLY E 56 19.99 8.45 -8.26
C GLY E 56 20.35 9.88 -8.62
N THR E 57 21.21 10.50 -7.83
CA THR E 57 21.64 11.88 -8.07
C THR E 57 23.09 12.03 -7.67
N ILE E 58 23.75 13.04 -8.24
CA ILE E 58 25.16 13.31 -7.99
C ILE E 58 25.33 14.81 -7.81
N TYR E 59 26.13 15.20 -6.81
CA TYR E 59 26.44 16.59 -6.55
C TYR E 59 27.94 16.75 -6.39
N TYR E 60 28.46 17.86 -6.92
CA TYR E 60 29.90 18.15 -6.85
C TYR E 60 30.12 19.52 -6.24
N ALA E 61 31.23 19.66 -5.54
CA ALA E 61 31.61 20.96 -5.02
C ALA E 61 31.96 21.91 -6.16
N ASP E 62 31.73 23.20 -5.92
CA ASP E 62 31.95 24.18 -6.99
C ASP E 62 33.41 24.20 -7.45
N THR E 63 34.34 24.08 -6.50
CA THR E 63 35.76 24.19 -6.83
C THR E 63 36.26 23.02 -7.68
N VAL E 64 35.52 21.92 -7.76
CA VAL E 64 35.98 20.74 -8.49
C VAL E 64 34.90 20.25 -9.44
N LYS E 65 33.96 21.13 -9.80
CA LYS E 65 32.91 20.74 -10.73
C LYS E 65 33.49 20.52 -12.13
N GLY E 66 32.98 19.52 -12.80
CA GLY E 66 33.36 19.24 -14.19
C GLY E 66 34.52 18.30 -14.40
N ARG E 67 35.63 18.53 -13.69
CA ARG E 67 36.83 17.73 -13.86
C ARG E 67 36.91 16.53 -12.91
N PHE E 68 35.92 16.37 -12.04
CA PHE E 68 35.85 15.24 -11.12
C PHE E 68 34.60 14.42 -11.42
N THR E 69 34.73 13.10 -11.35
CA THR E 69 33.62 12.18 -11.56
C THR E 69 33.59 11.15 -10.45
N ILE E 70 32.39 10.75 -10.06
CA ILE E 70 32.17 9.78 -9.00
C ILE E 70 31.28 8.67 -9.54
N SER E 71 31.71 7.42 -9.35
CA SER E 71 30.99 6.26 -9.84
C SER E 71 30.84 5.25 -8.72
N ARG E 72 29.81 4.42 -8.84
CA ARG E 72 29.42 3.47 -7.80
C ARG E 72 29.15 2.13 -8.45
N ASP E 73 29.78 1.08 -7.91
CA ASP E 73 29.63 -0.29 -8.42
C ASP E 73 29.13 -1.15 -7.28
N ASP E 74 27.81 -1.28 -7.18
CA ASP E 74 27.22 -2.05 -6.08
C ASP E 74 27.67 -3.50 -6.05
N PRO E 75 27.66 -4.26 -7.15
CA PRO E 75 27.97 -5.69 -7.04
C PRO E 75 29.35 -5.98 -6.45
N LYS E 76 30.34 -5.14 -6.73
CA LYS E 76 31.68 -5.33 -6.19
C LYS E 76 31.96 -4.49 -4.95
N ASN E 77 31.01 -3.65 -4.53
CA ASN E 77 31.15 -2.83 -3.34
C ASN E 77 32.41 -1.96 -3.43
N THR E 78 32.43 -1.10 -4.44
CA THR E 78 33.55 -0.20 -4.67
C THR E 78 33.04 1.18 -5.06
N LEU E 79 33.70 2.22 -4.54
CA LEU E 79 33.39 3.60 -4.86
C LEU E 79 34.62 4.22 -5.52
N PHE E 80 34.42 4.81 -6.70
CA PHE E 80 35.51 5.35 -7.50
C PHE E 80 35.36 6.86 -7.65
N LEU E 81 36.48 7.58 -7.56
CA LEU E 81 36.54 9.01 -7.82
C LEU E 81 37.57 9.25 -8.91
N GLN E 82 37.10 9.47 -10.13
CA GLN E 82 37.98 9.74 -11.26
C GLN E 82 38.39 11.20 -11.21
N MET E 83 39.68 11.45 -11.01
CA MET E 83 40.22 12.79 -10.83
C MET E 83 40.94 13.21 -12.11
N THR E 84 40.62 14.40 -12.60
CA THR E 84 41.17 14.91 -13.85
C THR E 84 41.65 16.34 -13.66
N SER E 85 42.70 16.70 -14.39
CA SER E 85 43.26 18.05 -14.38
C SER E 85 43.61 18.48 -12.96
N LEU E 86 44.52 17.72 -12.35
CA LEU E 86 44.95 18.04 -10.99
C LEU E 86 45.70 19.37 -10.98
N ARG E 87 45.66 20.04 -9.83
CA ARG E 87 46.35 21.31 -9.64
C ARG E 87 46.98 21.32 -8.26
N SER E 88 47.64 22.43 -7.93
CA SER E 88 48.43 22.50 -6.70
C SER E 88 47.57 22.31 -5.47
N GLU E 89 46.39 22.93 -5.43
CA GLU E 89 45.54 22.86 -4.24
C GLU E 89 44.68 21.60 -4.19
N ASP E 90 44.77 20.73 -5.20
CA ASP E 90 44.04 19.46 -5.13
C ASP E 90 44.66 18.50 -4.13
N THR E 91 45.92 18.74 -3.73
CA THR E 91 46.55 17.89 -2.73
C THR E 91 45.77 17.95 -1.43
N ALA E 92 45.48 16.80 -0.85
CA ALA E 92 44.72 16.71 0.38
C ALA E 92 44.63 15.24 0.78
N MET E 93 44.20 15.02 2.03
CA MET E 93 43.94 13.68 2.54
C MET E 93 42.47 13.36 2.29
N TYR E 94 42.21 12.37 1.44
CA TYR E 94 40.86 12.11 0.94
C TYR E 94 40.22 11.01 1.78
N TYR E 95 39.05 11.32 2.36
CA TYR E 95 38.27 10.37 3.13
C TYR E 95 37.03 9.97 2.35
N CYS E 96 36.56 8.75 2.56
CA CYS E 96 35.31 8.27 2.00
C CYS E 96 34.32 8.09 3.14
N VAL E 97 33.16 8.73 3.03
CA VAL E 97 32.17 8.76 4.10
C VAL E 97 30.86 8.20 3.58
N ARG E 98 30.22 7.39 4.41
CA ARG E 98 28.91 6.83 4.12
C ARG E 98 27.83 7.59 4.86
N SER E 99 26.62 7.57 4.33
CA SER E 99 25.51 8.27 4.95
C SER E 99 24.21 7.71 4.40
N ILE E 100 23.34 7.24 5.29
CA ILE E 100 22.04 6.68 4.93
C ILE E 100 20.97 7.66 5.35
N TYR E 101 20.06 7.99 4.43
CA TYR E 101 19.06 9.03 4.64
C TYR E 101 17.67 8.41 4.73
N TYR E 102 17.12 8.39 5.94
CA TYR E 102 15.70 8.11 6.15
C TYR E 102 15.34 8.69 7.50
N TYR E 103 14.05 8.75 7.78
CA TYR E 103 13.59 9.41 8.99
C TYR E 103 14.24 8.79 10.22
N GLY E 104 14.97 9.61 10.96
CA GLY E 104 15.62 9.16 12.18
C GLY E 104 16.98 8.52 11.99
N SER E 105 17.53 8.56 10.78
CA SER E 105 18.84 7.97 10.52
C SER E 105 19.94 8.88 11.06
N SER E 106 21.17 8.38 10.96
CA SER E 106 22.36 9.08 11.45
C SER E 106 23.39 9.15 10.33
N PRO E 107 23.22 10.06 9.38
CA PRO E 107 24.16 10.14 8.27
C PRO E 107 25.56 10.57 8.72
N PHE E 108 26.54 10.24 7.89
CA PHE E 108 27.95 10.54 8.17
C PHE E 108 28.43 9.81 9.42
N ASP E 109 27.84 8.65 9.72
CA ASP E 109 28.19 7.94 10.94
C ASP E 109 29.60 7.35 10.86
N PHE E 110 29.93 6.70 9.74
CA PHE E 110 31.20 6.00 9.59
C PHE E 110 32.04 6.66 8.51
N TRP E 111 33.30 6.94 8.84
CA TRP E 111 34.25 7.55 7.92
C TRP E 111 35.29 6.53 7.51
N GLY E 112 35.80 6.69 6.29
CA GLY E 112 36.84 5.80 5.80
C GLY E 112 38.13 5.98 6.56
N GLN E 113 39.24 5.49 5.99
CA GLN E 113 40.54 5.61 6.63
C GLN E 113 41.34 6.77 6.06
N GLY E 114 41.56 6.77 4.74
CA GLY E 114 42.20 7.89 4.08
C GLY E 114 43.34 7.51 3.16
N THR E 115 43.36 8.11 1.97
CA THR E 115 44.46 7.97 1.02
C THR E 115 45.08 9.34 0.80
N THR E 116 46.40 9.40 0.89
CA THR E 116 47.12 10.67 0.75
C THR E 116 47.45 10.90 -0.71
N LEU E 117 46.88 11.94 -1.29
CA LEU E 117 47.15 12.33 -2.67
C LEU E 117 47.97 13.62 -2.66
N THR E 118 49.12 13.59 -3.32
CA THR E 118 50.03 14.73 -3.36
C THR E 118 50.26 15.16 -4.79
N VAL E 119 50.23 16.46 -5.03
CA VAL E 119 50.48 17.05 -6.34
C VAL E 119 51.73 17.90 -6.23
N SER E 120 52.72 17.58 -7.06
CA SER E 120 53.98 18.32 -7.03
C SER E 120 53.76 19.76 -7.50
N SER E 121 54.58 20.66 -6.95
CA SER E 121 54.48 22.07 -7.32
C SER E 121 54.96 22.29 -8.75
N SER E 136 30.25 31.75 -0.30
CA SER E 136 29.50 32.43 -1.35
C SER E 136 28.00 32.25 -1.13
N ASP E 137 27.61 31.06 -0.68
CA ASP E 137 26.21 30.72 -0.44
C ASP E 137 25.93 30.42 1.03
N ILE E 138 26.68 29.52 1.65
CA ILE E 138 26.57 29.23 3.07
C ILE E 138 27.97 29.18 3.66
N VAL E 139 28.19 29.94 4.72
CA VAL E 139 29.50 30.03 5.38
C VAL E 139 29.30 29.75 6.86
N MET E 140 30.16 28.89 7.41
CA MET E 140 30.13 28.53 8.81
C MET E 140 31.46 28.89 9.43
N THR E 141 31.43 29.55 10.59
CA THR E 141 32.64 30.07 11.23
C THR E 141 32.67 29.62 12.68
N GLN E 142 33.86 29.23 13.14
CA GLN E 142 34.13 28.91 14.54
C GLN E 142 35.16 29.91 15.04
N ALA E 143 34.69 30.95 15.72
CA ALA E 143 35.57 32.01 16.21
C ALA E 143 36.33 31.54 17.46
N THR E 144 37.11 30.48 17.27
CA THR E 144 37.88 29.89 18.36
C THR E 144 39.08 29.18 17.78
N SER E 145 40.09 28.98 18.63
CA SER E 145 41.31 28.28 18.26
C SER E 145 41.67 27.34 19.40
N SER E 146 42.89 26.79 19.36
CA SER E 146 43.35 25.88 20.39
C SER E 146 43.07 26.45 21.78
N VAL E 147 42.23 25.74 22.53
CA VAL E 147 41.83 26.14 23.87
C VAL E 147 42.54 25.22 24.87
N PRO E 148 43.50 25.71 25.67
CA PRO E 148 44.12 24.84 26.66
C PRO E 148 43.13 24.44 27.75
N VAL E 149 43.07 23.14 28.02
CA VAL E 149 42.11 22.59 28.97
C VAL E 149 42.74 21.38 29.64
N THR E 150 42.44 21.19 30.92
CA THR E 150 42.90 20.05 31.70
C THR E 150 41.74 19.08 31.92
N PRO E 151 42.04 17.81 32.19
CA PRO E 151 40.96 16.84 32.41
C PRO E 151 40.12 17.20 33.63
N GLY E 152 38.83 16.86 33.56
CA GLY E 152 37.92 16.99 34.67
C GLY E 152 37.03 18.22 34.63
N GLU E 153 37.33 19.20 33.79
CA GLU E 153 36.55 20.42 33.70
C GLU E 153 35.75 20.45 32.41
N SER E 154 34.52 20.93 32.51
CA SER E 154 33.64 20.99 31.34
C SER E 154 34.17 21.99 30.32
N VAL E 155 33.86 21.74 29.05
CA VAL E 155 34.28 22.59 27.95
C VAL E 155 33.08 22.87 27.07
N SER E 156 33.01 24.09 26.54
CA SER E 156 31.95 24.51 25.62
C SER E 156 32.59 25.03 24.35
N ILE E 157 32.09 24.57 23.20
CA ILE E 157 32.59 24.98 21.90
C ILE E 157 31.46 25.69 21.16
N SER E 158 31.74 26.89 20.67
CA SER E 158 30.75 27.71 20.01
C SER E 158 30.82 27.54 18.50
N CYS E 159 29.71 27.85 17.83
CA CYS E 159 29.61 27.75 16.39
C CYS E 159 28.62 28.78 15.89
N ARG E 160 28.83 29.23 14.65
CA ARG E 160 28.00 30.26 14.04
C ARG E 160 27.72 29.88 12.60
N SER E 161 26.54 30.27 12.12
CA SER E 161 26.10 29.98 10.77
C SER E 161 25.63 31.26 10.09
N SER E 162 26.00 31.41 8.81
CA SER E 162 25.55 32.58 8.06
C SER E 162 24.03 32.59 7.93
N LYS E 163 23.44 31.44 7.64
CA LYS E 163 21.99 31.29 7.53
C LYS E 163 21.47 30.51 8.73
N SER E 164 20.15 30.55 8.90
CA SER E 164 19.50 29.79 9.96
C SER E 164 19.34 28.35 9.51
N LEU E 165 19.90 27.41 10.28
CA LEU E 165 19.84 26.00 9.92
C LEU E 165 18.51 25.35 10.27
N LEU E 166 17.67 26.02 11.06
CA LEU E 166 16.34 25.48 11.35
C LEU E 166 15.52 25.40 10.07
N HIS E 167 14.67 24.38 9.99
CA HIS E 167 13.84 24.14 8.83
C HIS E 167 12.37 24.19 9.22
N SER E 168 11.50 24.30 8.21
CA SER E 168 10.07 24.39 8.45
C SER E 168 9.53 23.13 9.12
N ASN E 169 10.19 21.99 8.96
CA ASN E 169 9.73 20.74 9.55
C ASN E 169 10.24 20.53 10.98
N GLY E 170 11.08 21.42 11.48
CA GLY E 170 11.56 21.33 12.85
C GLY E 170 12.90 20.66 13.04
N ASN E 171 13.64 20.40 11.96
CA ASN E 171 14.94 19.76 12.04
C ASN E 171 16.03 20.81 11.83
N THR E 172 16.94 20.90 12.79
CA THR E 172 18.10 21.79 12.71
C THR E 172 19.29 20.97 12.26
N TYR E 173 19.69 21.14 11.00
CA TYR E 173 20.69 20.27 10.37
C TYR E 173 22.09 20.76 10.72
N LEU E 174 22.56 20.34 11.89
CA LEU E 174 23.94 20.59 12.32
C LEU E 174 24.54 19.28 12.79
N TYR E 175 25.79 19.04 12.40
CA TYR E 175 26.51 17.83 12.74
C TYR E 175 27.84 18.19 13.37
N TRP E 176 28.18 17.54 14.47
CA TRP E 176 29.43 17.78 15.19
C TRP E 176 30.33 16.57 15.02
N PHE E 177 31.53 16.80 14.48
CA PHE E 177 32.50 15.75 14.26
C PHE E 177 33.73 15.99 15.13
N LEU E 178 34.39 14.90 15.51
CA LEU E 178 35.62 14.96 16.30
C LEU E 178 36.69 14.17 15.57
N GLN E 179 37.85 14.80 15.37
CA GLN E 179 38.98 14.17 14.69
C GLN E 179 40.12 14.01 15.69
N ARG E 180 40.31 12.80 16.20
CA ARG E 180 41.43 12.52 17.06
C ARG E 180 42.72 12.53 16.24
N PRO E 181 43.86 12.80 16.88
CA PRO E 181 45.12 12.84 16.11
C PRO E 181 45.39 11.52 15.41
N GLY E 182 45.71 11.62 14.11
CA GLY E 182 46.06 10.45 13.34
C GLY E 182 44.92 9.55 12.96
N GLN E 183 43.68 9.98 13.16
CA GLN E 183 42.51 9.16 12.85
C GLN E 183 41.47 10.00 12.12
N SER E 184 40.63 9.32 11.35
CA SER E 184 39.57 10.01 10.63
C SER E 184 38.53 10.54 11.60
N PRO E 185 37.84 11.63 11.25
CA PRO E 185 36.86 12.21 12.18
C PRO E 185 35.72 11.24 12.46
N GLN E 186 35.18 11.34 13.66
CA GLN E 186 34.10 10.48 14.13
C GLN E 186 32.88 11.33 14.47
N LEU E 187 31.70 10.84 14.10
CA LEU E 187 30.47 11.58 14.36
C LEU E 187 30.17 11.57 15.85
N LEU E 188 29.93 12.76 16.41
CA LEU E 188 29.52 12.89 17.80
C LEU E 188 28.03 13.14 17.92
N ILE E 189 27.53 14.21 17.29
CA ILE E 189 26.13 14.61 17.36
C ILE E 189 25.69 15.01 15.97
N TYR E 190 24.54 14.51 15.51
CA TYR E 190 24.09 14.79 14.16
C TYR E 190 22.95 15.80 14.08
N ARG E 191 22.30 16.12 15.19
CA ARG E 191 21.31 17.20 15.22
C ARG E 191 21.31 17.79 16.63
N MET E 192 20.27 18.55 16.97
CA MET E 192 20.20 19.09 18.33
C MET E 192 20.07 17.97 19.33
N SER E 193 21.15 17.71 20.08
CA SER E 193 21.14 16.74 21.17
C SER E 193 20.81 15.34 20.68
N ASN E 194 21.22 15.00 19.47
CA ASN E 194 21.03 13.67 18.91
C ASN E 194 22.38 12.97 18.92
N LEU E 195 22.67 12.29 20.02
CA LEU E 195 23.96 11.63 20.18
C LEU E 195 24.08 10.46 19.21
N ALA E 196 25.29 10.23 18.71
CA ALA E 196 25.54 9.11 17.82
C ALA E 196 25.82 7.84 18.63
N SER E 197 25.67 6.70 17.96
CA SER E 197 25.92 5.43 18.61
C SER E 197 27.40 5.29 18.95
N GLY E 198 27.67 4.72 20.12
CA GLY E 198 29.04 4.55 20.55
C GLY E 198 29.72 5.84 20.97
N VAL E 199 28.96 6.80 21.48
CA VAL E 199 29.49 8.07 21.95
C VAL E 199 29.11 8.20 23.43
N PRO E 200 30.03 8.56 24.31
CA PRO E 200 29.68 8.67 25.73
C PRO E 200 28.66 9.77 25.97
N ASP E 201 27.87 9.59 27.04
CA ASP E 201 26.82 10.55 27.36
C ASP E 201 27.39 11.93 27.68
N ARG E 202 28.70 12.01 27.96
CA ARG E 202 29.30 13.28 28.32
C ARG E 202 28.97 14.37 27.31
N PHE E 203 29.14 14.08 26.02
CA PHE E 203 28.87 15.06 24.99
C PHE E 203 27.40 15.44 24.97
N SER E 204 27.13 16.72 24.71
CA SER E 204 25.77 17.21 24.62
C SER E 204 25.71 18.36 23.62
N GLY E 205 24.59 18.45 22.91
CA GLY E 205 24.42 19.48 21.91
C GLY E 205 23.21 20.33 22.21
N SER E 206 23.27 21.58 21.76
CA SER E 206 22.19 22.53 22.00
C SER E 206 22.38 23.70 21.06
N GLY E 207 21.51 24.70 21.19
CA GLY E 207 21.52 25.88 20.35
C GLY E 207 20.30 25.96 19.47
N SER E 208 20.19 27.10 18.79
CA SER E 208 19.06 27.36 17.92
C SER E 208 19.45 28.41 16.89
N GLY E 209 18.68 28.45 15.80
CA GLY E 209 18.92 29.45 14.78
C GLY E 209 20.35 29.37 14.26
N THR E 210 21.05 30.50 14.30
CA THR E 210 22.43 30.58 13.85
C THR E 210 23.43 30.42 14.98
N ALA E 211 22.97 30.16 16.20
CA ALA E 211 23.83 29.99 17.36
C ALA E 211 23.82 28.53 17.80
N PHE E 212 24.99 27.91 17.85
CA PHE E 212 25.11 26.51 18.23
C PHE E 212 26.25 26.36 19.22
N THR E 213 26.14 25.35 20.08
CA THR E 213 27.13 25.11 21.11
C THR E 213 27.22 23.61 21.38
N LEU E 214 28.44 23.15 21.63
CA LEU E 214 28.70 21.76 21.99
C LEU E 214 29.36 21.74 23.36
N THR E 215 28.79 20.97 24.29
CA THR E 215 29.25 20.93 25.67
C THR E 215 29.78 19.55 25.99
N ILE E 216 30.95 19.51 26.62
CA ILE E 216 31.57 18.28 27.10
C ILE E 216 31.64 18.32 28.61
N SER E 217 31.09 17.30 29.26
CA SER E 217 31.04 17.22 30.71
C SER E 217 32.02 16.16 31.19
N ARG E 218 32.85 16.51 32.18
CA ARG E 218 33.87 15.61 32.70
C ARG E 218 34.80 15.15 31.59
N LEU E 219 35.49 16.12 31.00
CA LEU E 219 36.39 15.86 29.88
C LEU E 219 37.44 14.82 30.27
N GLU E 220 37.65 13.85 29.38
CA GLU E 220 38.62 12.78 29.58
C GLU E 220 39.79 12.95 28.62
N ALA E 221 40.85 12.18 28.86
CA ALA E 221 42.08 12.33 28.10
C ALA E 221 41.84 12.10 26.61
N GLU E 222 41.06 11.07 26.27
CA GLU E 222 40.84 10.72 24.87
C GLU E 222 40.03 11.76 24.12
N ASP E 223 39.39 12.70 24.81
CA ASP E 223 38.55 13.70 24.16
C ASP E 223 39.35 14.78 23.46
N VAL E 224 40.67 14.83 23.65
CA VAL E 224 41.49 15.84 23.02
C VAL E 224 41.48 15.64 21.51
N GLY E 225 41.30 16.72 20.76
CA GLY E 225 41.28 16.63 19.31
C GLY E 225 40.73 17.91 18.71
N VAL E 226 40.33 17.81 17.44
CA VAL E 226 39.77 18.92 16.69
C VAL E 226 38.30 18.64 16.46
N TYR E 227 37.45 19.62 16.81
CA TYR E 227 36.01 19.49 16.67
C TYR E 227 35.54 20.32 15.48
N TYR E 228 34.82 19.67 14.56
CA TYR E 228 34.33 20.30 13.35
C TYR E 228 32.81 20.38 13.38
N CYS E 229 32.28 21.47 12.82
CA CYS E 229 30.83 21.67 12.71
C CYS E 229 30.47 21.68 11.23
N MET E 230 29.41 20.97 10.88
CA MET E 230 28.95 20.88 9.51
C MET E 230 27.45 21.10 9.45
N GLN E 231 26.99 21.67 8.34
CA GLN E 231 25.57 21.86 8.07
C GLN E 231 25.15 20.99 6.89
N HIS E 232 23.99 20.36 7.03
CA HIS E 232 23.43 19.53 5.96
C HIS E 232 22.13 20.11 5.42
N LEU E 233 21.93 21.42 5.57
CA LEU E 233 20.68 22.03 5.15
C LEU E 233 20.59 22.12 3.63
N GLU E 234 21.71 22.38 2.96
CA GLU E 234 21.70 22.49 1.51
C GLU E 234 23.11 22.31 0.99
N TYR E 235 23.23 21.62 -0.14
CA TYR E 235 24.54 21.45 -0.77
C TYR E 235 25.00 22.77 -1.36
N PRO E 236 26.32 23.00 -1.43
CA PRO E 236 27.39 22.10 -0.97
C PRO E 236 27.57 22.11 0.53
N LEU E 237 27.92 20.96 1.10
CA LEU E 237 28.13 20.86 2.54
C LEU E 237 29.41 21.59 2.92
N THR E 238 29.34 22.43 3.95
CA THR E 238 30.46 23.26 4.36
C THR E 238 30.79 22.99 5.82
N PHE E 239 32.08 22.82 6.10
CA PHE E 239 32.56 22.59 7.45
C PHE E 239 33.03 23.90 8.08
N GLY E 240 33.32 23.84 9.38
CA GLY E 240 33.78 24.99 10.12
C GLY E 240 35.30 25.13 10.10
N ALA E 241 35.78 25.97 11.01
CA ALA E 241 37.22 26.23 11.12
C ALA E 241 37.94 25.15 11.94
N GLY E 242 37.22 24.23 12.56
CA GLY E 242 37.85 23.16 13.29
C GLY E 242 38.51 23.59 14.59
N THR E 243 37.71 23.98 15.57
CA THR E 243 38.25 24.32 16.88
C THR E 243 39.03 23.14 17.45
N LYS E 244 40.16 23.42 18.07
CA LYS E 244 41.06 22.40 18.58
C LYS E 244 41.20 22.54 20.09
N LEU E 245 41.54 21.43 20.73
CA LEU E 245 41.71 21.37 22.19
C LEU E 245 43.13 20.96 22.54
N GLU E 246 43.68 21.61 23.56
CA GLU E 246 45.02 21.30 24.06
C GLU E 246 44.90 20.78 25.49
N LEU E 247 45.58 19.67 25.77
CA LEU E 247 45.57 19.10 27.10
C LEU E 247 46.38 19.95 28.07
#